data_8HIK
#
_entry.id   8HIK
#
_cell.length_a   1.00
_cell.length_b   1.00
_cell.length_c   1.00
_cell.angle_alpha   90.00
_cell.angle_beta   90.00
_cell.angle_gamma   90.00
#
_symmetry.space_group_name_H-M   'P 1'
#
loop_
_entity.id
_entity.type
_entity.pdbx_description
1 polymer 'BRIL-SLC19A1 chimera'
2 polymer 'Anti-BRIL Fab heavy chain'
3 polymer 'Anti-Fab nanobody'
4 polymer 'Anti-BRIL Fab light chain'
5 non-polymer 'THIAMINE DIPHOSPHATE'
#
loop_
_entity_poly.entity_id
_entity_poly.type
_entity_poly.pdbx_seq_one_letter_code
_entity_poly.pdbx_strand_id
1 'polypeptide(L)'
;GPSRATADLEDNWETLNDNLKVIEKADNAAQVKDALTKMRAAALDAQKATPPKLEDKSPDSPEMKDFRHGFDILVGQIDD
ALKLANEGKVKEAQAAAEQLKTTRNAYIQKYLSWRHLVCYLCFYGFMAQIRPGESFITPYLLGPDKNFTREQVTNEITPV
LSYSYLAVLVPVFLLTDYLRYTPVLLLQGLSFVSVWLLLLLGHSVAHMQLMELFYSVTMAARIAYSSYIFSLVRPARYQR
VAGYSRAAVLLGVFTSSVLGQLLVTVGRVSFSTLNYISLAFLTFSVVLALFLKRPKRSLFFNRDDRGRCETSASELERMN
PGPGGKLGHALRVACGDSVLARMLRELGDSLRRPQLRLWSLWWVFNSAGYYLVVYYVHILWNEVDPTTNSARVYNGAADA
ASTLLGAITSFAAGFVKIRWARWSKLLIAGVTATQAGLVFLLAHTRHPSSIWLCYAAFVLFRGSYQFLVPIATFQIASSL
SKELCALVFGVNTFFATIVKTIITFIVSDVRGLGLPVRKQFQLYSVYFLILSIIYFLGAMLDGLRHCQRGHHPRQPPAQG
LRSAAEEKAAQALSVQDKGLGGLQPAQSPPLSPEDSLGAVGPASLEQRQSDPYLAQAPAPQAAEFLSPVTTPSPCTLCSA
QASGPEAADETCPQLAVHPPGVSKLGLQCLPSDGVQNVNQSNS
;
A
2 'polypeptide(L)'
;MGWSLILLFLVAVATRVLSEISEVQLVESGGGLVQPGGSLRLSCAASGFNVVDFSLHWVRQAPGKGLEWVAYISSSSGST
SYADSVKGRFTISADTSKNTAYLQMNSLRAEDTAVYYCARWGYWPGEPWWKAFDYWGQGTLVTVSSASTKGPSVFPLAPS
SKSTSGGTAALGCLVKDYFPEPVTVSWNSGALTSGVHTFPAVLQSSGLYSLSSVVTVPSSSLGTQTYICNVNHKPSNTKV
DKKVEPKSCDKSNSLEVLFQ
;
H
3 'polypeptide(L)'
;MKYLLPTAAAGLLLLAAQPAMAGSQVQLQESGGGLVQPGGSLRLSCAASGRTISRYAMSWFRQAPGKEREFVAVARRSGD
GAFYADSVQGRFTVSRDDAKNTVYLQMNSLKPEDTAVYYCAIDSDTFYSGSYDYWGQGTQVTVSSLEHHHHHH
;
N
4 'polypeptide(L)'
;MGWSCIILFLVATATGVHSSDIQMTQSPSSLSASVGDRVTITCRASQSVSSAVAWYQQKPGKAPKLLIYSASSLYSGVPS
RFSGSRSGTDFTLTISSLQPEDFATYYCQQYLYYSLVTFGQGTKVEIKRTVAAPSVFIFPPSDSQLKSGTASVVCLLNNF
YPREAKVQWKVDNALQSGNSQESVTEQDSKDSTYSLSSTLTLSKADYEKHKVYACEVTHQGLSSPVTKSFNRGEC
;
L
#
loop_
_chem_comp.id
_chem_comp.type
_chem_comp.name
_chem_comp.formula
TPP non-polymer 'THIAMINE DIPHOSPHATE' 'C12 H19 N4 O7 P2 S 1'
#
# COMPACT_ATOMS: atom_id res chain seq x y z
N ALA A 7 8.85 7.54 -3.38
CA ALA A 7 7.57 7.71 -4.06
C ALA A 7 7.18 9.18 -4.10
N ASP A 8 8.13 10.06 -3.79
CA ASP A 8 7.84 11.49 -3.77
C ASP A 8 7.90 12.08 -5.17
N LEU A 9 9.06 12.02 -5.80
CA LEU A 9 9.23 12.47 -7.19
C LEU A 9 9.92 11.43 -8.05
N GLU A 10 10.89 10.71 -7.50
CA GLU A 10 11.78 9.93 -8.35
C GLU A 10 11.18 8.59 -8.76
N ASP A 11 10.37 7.96 -7.91
CA ASP A 11 9.75 6.70 -8.27
C ASP A 11 8.67 6.90 -9.33
N ASN A 12 7.92 7.99 -9.23
CA ASN A 12 6.96 8.35 -10.27
C ASN A 12 7.67 8.68 -11.58
N TRP A 13 8.83 9.33 -11.48
CA TRP A 13 9.64 9.63 -12.67
C TRP A 13 10.17 8.35 -13.31
N GLU A 14 10.57 7.38 -12.50
CA GLU A 14 11.10 6.13 -13.04
C GLU A 14 10.00 5.29 -13.69
N THR A 15 8.82 5.21 -13.05
CA THR A 15 7.75 4.44 -13.69
C THR A 15 7.17 5.17 -14.89
N LEU A 16 7.27 6.52 -14.93
CA LEU A 16 6.88 7.26 -16.12
C LEU A 16 7.86 7.02 -17.27
N ASN A 17 9.17 6.99 -16.96
CA ASN A 17 10.17 6.71 -17.99
C ASN A 17 10.06 5.28 -18.49
N ASP A 18 9.82 4.33 -17.60
CA ASP A 18 9.66 2.93 -18.01
C ASP A 18 8.39 2.73 -18.84
N ASN A 19 7.29 3.38 -18.45
CA ASN A 19 6.05 3.25 -19.22
C ASN A 19 6.17 3.95 -20.57
N LEU A 20 6.90 5.06 -20.64
CA LEU A 20 7.12 5.73 -21.92
C LEU A 20 8.02 4.90 -22.83
N LYS A 21 9.00 4.19 -22.26
CA LYS A 21 9.80 3.27 -23.07
C LYS A 21 8.99 2.06 -23.52
N VAL A 22 7.98 1.66 -22.74
CA VAL A 22 7.07 0.60 -23.18
C VAL A 22 6.22 1.10 -24.35
N ILE A 23 5.61 2.28 -24.21
CA ILE A 23 4.72 2.83 -25.24
C ILE A 23 5.49 3.15 -26.52
N GLU A 24 6.76 3.55 -26.41
CA GLU A 24 7.56 3.93 -27.57
C GLU A 24 7.82 2.75 -28.51
N LYS A 25 7.92 1.54 -27.98
CA LYS A 25 8.20 0.36 -28.77
C LYS A 25 6.99 -0.56 -28.91
N ALA A 26 5.79 -0.07 -28.61
CA ALA A 26 4.58 -0.88 -28.69
C ALA A 26 3.64 -0.36 -29.77
N ASP A 27 2.96 -1.31 -30.41
CA ASP A 27 1.88 -1.04 -31.35
C ASP A 27 0.59 -1.63 -30.78
N ASN A 28 -0.47 -1.63 -31.62
CA ASN A 28 -1.80 -2.14 -31.28
C ASN A 28 -2.37 -1.42 -30.06
N ALA A 29 -2.68 -0.14 -30.27
CA ALA A 29 -3.00 0.83 -29.22
C ALA A 29 -4.31 0.56 -28.45
N ALA A 30 -5.00 -0.58 -28.59
CA ALA A 30 -6.18 -0.83 -27.78
C ALA A 30 -5.83 -1.10 -26.32
N GLN A 31 -4.63 -1.60 -26.04
CA GLN A 31 -4.23 -1.92 -24.67
C GLN A 31 -3.17 -0.97 -24.13
N VAL A 32 -2.89 0.15 -24.81
CA VAL A 32 -2.02 1.17 -24.23
C VAL A 32 -2.81 2.17 -23.40
N LYS A 33 -4.14 1.99 -23.28
CA LYS A 33 -4.95 2.86 -22.44
C LYS A 33 -4.59 2.70 -20.97
N ASP A 34 -4.29 1.46 -20.54
CA ASP A 34 -3.75 1.24 -19.21
C ASP A 34 -2.37 1.86 -19.07
N ALA A 35 -1.56 1.78 -20.14
CA ALA A 35 -0.24 2.39 -20.12
C ALA A 35 -0.32 3.91 -20.07
N LEU A 36 -1.23 4.50 -20.84
CA LEU A 36 -1.38 5.96 -20.83
C LEU A 36 -2.00 6.46 -19.53
N THR A 37 -2.90 5.70 -18.92
CA THR A 37 -3.42 6.16 -17.63
C THR A 37 -2.43 5.92 -16.49
N LYS A 38 -1.50 4.98 -16.65
CA LYS A 38 -0.42 4.87 -15.67
C LYS A 38 0.58 6.01 -15.84
N MET A 39 0.82 6.43 -17.09
CA MET A 39 1.57 7.66 -17.36
C MET A 39 0.89 8.87 -16.72
N ARG A 40 -0.43 8.94 -16.82
CA ARG A 40 -1.18 10.05 -16.22
C ARG A 40 -1.10 10.02 -14.70
N ALA A 41 -1.16 8.82 -14.10
CA ALA A 41 -1.05 8.70 -12.65
C ALA A 41 0.34 9.08 -12.16
N ALA A 42 1.38 8.69 -12.91
CA ALA A 42 2.74 9.06 -12.53
C ALA A 42 2.99 10.55 -12.73
N ALA A 43 2.30 11.17 -13.69
CA ALA A 43 2.46 12.61 -13.88
C ALA A 43 1.71 13.42 -12.83
N LEU A 44 0.51 12.97 -12.46
CA LEU A 44 -0.28 13.69 -11.47
C LEU A 44 0.23 13.49 -10.05
N ASP A 45 0.84 12.33 -9.77
CA ASP A 45 1.36 12.09 -8.42
C ASP A 45 2.63 12.88 -8.14
N ALA A 46 3.35 13.29 -9.18
CA ALA A 46 4.61 14.02 -9.03
C ALA A 46 4.42 15.52 -9.21
N GLN A 47 3.28 16.06 -8.80
CA GLN A 47 3.02 17.50 -8.91
C GLN A 47 3.25 18.23 -7.59
N LYS A 48 2.85 17.62 -6.47
CA LYS A 48 3.07 18.18 -5.14
C LYS A 48 4.35 17.67 -4.49
N ALA A 49 5.35 17.33 -5.30
CA ALA A 49 6.49 16.56 -4.83
C ALA A 49 7.50 17.35 -4.02
N THR A 50 7.53 18.69 -4.17
CA THR A 50 8.47 19.63 -3.53
C THR A 50 9.92 19.21 -3.74
N PRO A 51 10.49 19.45 -4.93
CA PRO A 51 11.83 18.92 -5.27
C PRO A 51 12.92 19.50 -4.38
N PRO A 52 14.04 18.78 -4.21
CA PRO A 52 15.09 19.26 -3.28
C PRO A 52 15.81 20.52 -3.75
N LYS A 53 15.90 20.75 -5.06
CA LYS A 53 16.44 22.02 -5.53
C LYS A 53 15.44 23.16 -5.38
N LEU A 54 14.17 22.84 -5.18
CA LEU A 54 13.13 23.82 -4.86
C LEU A 54 12.81 23.85 -3.37
N GLU A 55 13.29 22.86 -2.60
CA GLU A 55 13.01 22.78 -1.17
C GLU A 55 13.64 23.92 -0.40
N ASP A 56 14.81 24.41 -0.85
CA ASP A 56 15.43 25.57 -0.21
C ASP A 56 14.66 26.85 -0.46
N LYS A 57 13.85 26.90 -1.50
CA LYS A 57 12.99 28.04 -1.78
C LYS A 57 11.60 27.83 -1.16
N SER A 58 10.90 28.93 -0.95
CA SER A 58 9.57 28.86 -0.35
C SER A 58 8.54 28.39 -1.38
N PRO A 59 7.56 27.59 -0.96
CA PRO A 59 6.51 27.18 -1.89
C PRO A 59 5.53 28.30 -2.18
N ASP A 60 4.68 28.07 -3.19
CA ASP A 60 3.69 29.02 -3.70
C ASP A 60 4.35 30.34 -4.13
N SER A 61 5.53 30.22 -4.76
CA SER A 61 6.41 31.25 -5.30
C SER A 61 6.24 31.36 -6.80
N PRO A 62 6.51 32.53 -7.41
CA PRO A 62 6.44 32.62 -8.87
C PRO A 62 7.53 31.85 -9.60
N GLU A 63 8.62 31.47 -8.91
CA GLU A 63 9.61 30.58 -9.49
C GLU A 63 9.21 29.12 -9.41
N MET A 64 8.12 28.80 -8.70
CA MET A 64 7.59 27.44 -8.65
C MET A 64 6.52 27.21 -9.71
N LYS A 65 5.93 28.28 -10.26
CA LYS A 65 4.85 28.18 -11.22
C LYS A 65 5.29 27.58 -12.55
N ASP A 66 6.59 27.65 -12.88
CA ASP A 66 7.08 27.03 -14.10
C ASP A 66 7.08 25.51 -13.98
N PHE A 67 7.34 25.00 -12.77
CA PHE A 67 7.29 23.57 -12.51
C PHE A 67 5.87 23.02 -12.67
N ARG A 68 4.90 23.72 -12.07
CA ARG A 68 3.50 23.33 -12.20
C ARG A 68 2.98 23.53 -13.61
N HIS A 69 3.51 24.52 -14.34
CA HIS A 69 3.10 24.69 -15.74
C HIS A 69 3.71 23.61 -16.64
N GLY A 70 4.91 23.13 -16.29
CA GLY A 70 5.49 22.01 -17.02
C GLY A 70 4.71 20.73 -16.83
N PHE A 71 4.34 20.43 -15.57
CA PHE A 71 3.46 19.29 -15.37
C PHE A 71 2.05 19.52 -15.89
N ASP A 72 1.62 20.78 -15.99
CA ASP A 72 0.35 21.12 -16.61
C ASP A 72 0.35 20.74 -18.09
N ILE A 73 1.38 21.15 -18.84
CA ILE A 73 1.43 20.81 -20.25
C ILE A 73 1.75 19.33 -20.44
N LEU A 74 2.42 18.69 -19.46
CA LEU A 74 2.63 17.25 -19.50
C LEU A 74 1.32 16.49 -19.43
N VAL A 75 0.50 16.80 -18.42
CA VAL A 75 -0.81 16.16 -18.27
C VAL A 75 -1.75 16.54 -19.41
N GLY A 76 -1.61 17.75 -19.96
CA GLY A 76 -2.41 18.13 -21.11
C GLY A 76 -2.08 17.34 -22.37
N GLN A 77 -0.79 17.08 -22.60
CA GLN A 77 -0.45 16.22 -23.73
C GLN A 77 -0.73 14.75 -23.47
N ILE A 78 -0.77 14.32 -22.20
CA ILE A 78 -1.27 12.98 -21.91
C ILE A 78 -2.77 12.89 -22.23
N ASP A 79 -3.52 13.96 -21.95
CA ASP A 79 -4.93 14.05 -22.37
C ASP A 79 -5.06 14.01 -23.89
N ASP A 80 -4.20 14.77 -24.59
CA ASP A 80 -4.23 14.78 -26.05
C ASP A 80 -3.84 13.43 -26.64
N ALA A 81 -3.00 12.67 -25.94
CA ALA A 81 -2.66 11.32 -26.38
C ALA A 81 -3.83 10.37 -26.17
N LEU A 82 -4.43 10.38 -24.98
CA LEU A 82 -5.41 9.37 -24.64
C LEU A 82 -6.78 9.66 -25.25
N LYS A 83 -7.09 10.92 -25.60
CA LYS A 83 -8.33 11.17 -26.34
C LYS A 83 -8.21 10.74 -27.79
N LEU A 84 -6.98 10.61 -28.31
CA LEU A 84 -6.76 10.03 -29.63
C LEU A 84 -6.55 8.53 -29.58
N ALA A 85 -6.24 7.99 -28.40
CA ALA A 85 -6.10 6.55 -28.24
C ALA A 85 -7.43 5.85 -28.01
N ASN A 86 -8.44 6.58 -27.52
CA ASN A 86 -9.75 5.99 -27.29
C ASN A 86 -10.59 5.86 -28.55
N GLU A 87 -10.17 6.47 -29.66
CA GLU A 87 -10.89 6.40 -30.92
C GLU A 87 -10.46 5.23 -31.78
N GLY A 88 -9.65 4.32 -31.24
CA GLY A 88 -9.16 3.19 -32.01
C GLY A 88 -7.96 3.47 -32.87
N LYS A 89 -7.41 4.68 -32.82
CA LYS A 89 -6.25 5.01 -33.62
C LYS A 89 -4.98 4.44 -33.01
N VAL A 90 -4.01 4.13 -33.88
CA VAL A 90 -2.73 3.61 -33.44
C VAL A 90 -1.56 4.51 -33.80
N LYS A 91 -1.72 5.45 -34.73
CA LYS A 91 -0.60 6.26 -35.20
C LYS A 91 -0.53 7.63 -34.54
N GLU A 92 -1.64 8.13 -33.99
CA GLU A 92 -1.60 9.43 -33.32
C GLU A 92 -0.96 9.34 -31.94
N ALA A 93 -1.00 8.16 -31.32
CA ALA A 93 -0.37 7.97 -30.02
C ALA A 93 1.15 8.06 -30.11
N GLN A 94 1.74 7.66 -31.24
CA GLN A 94 3.19 7.73 -31.40
C GLN A 94 3.66 9.18 -31.54
N ALA A 95 2.96 9.98 -32.35
CA ALA A 95 3.30 11.39 -32.48
C ALA A 95 3.01 12.15 -31.19
N ALA A 96 1.95 11.77 -30.47
CA ALA A 96 1.69 12.37 -29.17
C ALA A 96 2.76 11.98 -28.14
N ALA A 97 3.30 10.76 -28.25
CA ALA A 97 4.41 10.38 -27.37
C ALA A 97 5.70 11.10 -27.74
N GLU A 98 5.90 11.41 -29.02
CA GLU A 98 7.05 12.22 -29.41
C GLU A 98 6.93 13.66 -28.89
N GLN A 99 5.72 14.24 -28.97
CA GLN A 99 5.49 15.55 -28.37
C GLN A 99 5.63 15.51 -26.85
N LEU A 100 5.23 14.38 -26.23
CA LEU A 100 5.42 14.18 -24.81
C LEU A 100 6.90 14.14 -24.45
N LYS A 101 7.70 13.48 -25.29
CA LYS A 101 9.14 13.42 -25.12
C LYS A 101 9.78 14.80 -25.21
N THR A 102 9.35 15.60 -26.20
CA THR A 102 9.92 16.94 -26.38
C THR A 102 9.54 17.86 -25.22
N THR A 103 8.29 17.82 -24.76
CA THR A 103 7.90 18.67 -23.64
C THR A 103 8.47 18.17 -22.32
N ARG A 104 8.74 16.87 -22.21
CA ARG A 104 9.40 16.35 -21.02
C ARG A 104 10.86 16.78 -20.98
N ASN A 105 11.51 16.82 -22.15
CA ASN A 105 12.88 17.31 -22.21
C ASN A 105 12.96 18.82 -21.99
N ALA A 106 11.93 19.56 -22.41
CA ALA A 106 11.98 21.01 -22.32
C ALA A 106 11.55 21.53 -20.96
N TYR A 107 10.33 21.19 -20.54
CA TYR A 107 9.70 21.91 -19.42
C TYR A 107 10.14 21.35 -18.07
N ILE A 108 10.06 20.02 -17.90
CA ILE A 108 10.28 19.43 -16.57
C ILE A 108 11.78 19.42 -16.23
N GLN A 109 12.63 19.23 -17.24
CA GLN A 109 14.08 19.13 -17.02
C GLN A 109 14.74 20.44 -16.60
N LYS A 110 14.02 21.56 -16.61
CA LYS A 110 14.56 22.80 -16.05
C LYS A 110 14.71 22.69 -14.54
N TYR A 111 13.75 22.04 -13.89
CA TYR A 111 13.80 21.78 -12.45
C TYR A 111 14.33 20.39 -12.13
N LEU A 112 15.15 19.84 -13.01
CA LEU A 112 15.85 18.58 -12.76
C LEU A 112 17.32 18.82 -13.12
N SER A 113 18.21 18.60 -12.14
CA SER A 113 19.59 19.03 -12.29
C SER A 113 20.37 18.12 -13.24
N TRP A 114 20.37 16.82 -12.98
CA TRP A 114 21.19 15.89 -13.73
C TRP A 114 20.57 14.50 -13.63
N ARG A 115 20.28 13.88 -14.77
CA ARG A 115 19.61 12.59 -14.80
C ARG A 115 20.56 11.44 -15.13
N HIS A 116 21.86 11.71 -15.21
CA HIS A 116 22.87 10.67 -15.39
C HIS A 116 23.68 10.47 -14.12
N LEU A 117 23.01 10.54 -12.95
CA LEU A 117 23.73 10.45 -11.67
C LEU A 117 24.32 9.08 -11.45
N VAL A 118 23.57 8.02 -11.76
CA VAL A 118 24.10 6.66 -11.70
C VAL A 118 25.19 6.48 -12.74
N CYS A 119 25.00 7.06 -13.93
CA CYS A 119 26.01 6.98 -14.99
C CYS A 119 27.26 7.77 -14.62
N TYR A 120 27.10 8.95 -14.01
CA TYR A 120 28.27 9.73 -13.63
C TYR A 120 29.01 9.10 -12.47
N LEU A 121 28.31 8.42 -11.54
CA LEU A 121 29.00 7.68 -10.51
C LEU A 121 29.70 6.44 -11.06
N CYS A 122 29.15 5.82 -12.10
CA CYS A 122 29.84 4.70 -12.75
C CYS A 122 31.10 5.17 -13.47
N PHE A 123 31.04 6.30 -14.18
CA PHE A 123 32.24 6.84 -14.80
C PHE A 123 33.23 7.37 -13.76
N TYR A 124 32.74 7.78 -12.59
CA TYR A 124 33.66 8.19 -11.52
C TYR A 124 34.35 6.99 -10.88
N GLY A 125 33.65 5.85 -10.80
CA GLY A 125 34.28 4.65 -10.31
C GLY A 125 35.19 3.98 -11.31
N PHE A 126 34.93 4.16 -12.60
CA PHE A 126 35.71 3.53 -13.64
C PHE A 126 36.89 4.38 -14.12
N MET A 127 36.77 5.70 -14.05
CA MET A 127 37.80 6.60 -14.56
C MET A 127 38.61 7.27 -13.46
N ALA A 128 37.98 7.76 -12.40
CA ALA A 128 38.69 8.51 -11.38
C ALA A 128 39.38 7.62 -10.35
N GLN A 129 39.22 6.32 -10.43
CA GLN A 129 40.00 5.40 -9.63
C GLN A 129 41.22 4.86 -10.37
N ILE A 130 41.45 5.32 -11.59
CA ILE A 130 42.59 4.87 -12.39
C ILE A 130 43.84 5.56 -11.84
N ARG A 131 44.73 4.76 -11.24
CA ARG A 131 46.02 5.24 -10.74
C ARG A 131 47.07 4.22 -11.16
N PRO A 132 47.67 4.38 -12.34
CA PRO A 132 48.59 3.35 -12.84
C PRO A 132 49.91 3.29 -12.10
N GLY A 133 50.24 4.27 -11.28
CA GLY A 133 51.42 4.22 -10.44
C GLY A 133 51.17 3.72 -9.04
N GLU A 134 49.98 3.17 -8.77
CA GLU A 134 49.70 2.64 -7.43
C GLU A 134 50.46 1.35 -7.17
N SER A 135 50.49 0.45 -8.15
CA SER A 135 51.14 -0.85 -7.99
C SER A 135 52.64 -0.80 -8.26
N PHE A 136 53.22 0.39 -8.43
CA PHE A 136 54.64 0.55 -8.68
C PHE A 136 55.21 1.67 -7.83
N ILE A 137 54.75 1.78 -6.58
CA ILE A 137 55.30 2.78 -5.67
C ILE A 137 56.66 2.36 -5.15
N THR A 138 56.76 1.14 -4.63
CA THR A 138 58.00 0.58 -4.10
C THR A 138 59.08 0.36 -5.17
N PRO A 139 58.79 -0.11 -6.41
CA PRO A 139 59.86 -0.07 -7.44
C PRO A 139 60.27 1.33 -7.85
N TYR A 140 59.40 2.33 -7.72
CA TYR A 140 59.82 3.69 -7.99
C TYR A 140 60.68 4.26 -6.87
N LEU A 141 60.40 3.87 -5.62
CA LEU A 141 61.20 4.35 -4.50
C LEU A 141 62.56 3.66 -4.44
N LEU A 142 62.67 2.45 -4.98
CA LEU A 142 63.88 1.65 -4.89
C LEU A 142 64.45 1.38 -6.29
N GLY A 143 64.47 2.40 -7.13
CA GLY A 143 65.02 2.28 -8.46
C GLY A 143 66.27 3.14 -8.63
N PRO A 144 66.65 3.39 -9.88
CA PRO A 144 67.82 4.25 -10.13
C PRO A 144 67.58 5.73 -9.89
N ASP A 145 66.35 6.15 -9.60
CA ASP A 145 66.05 7.57 -9.42
C ASP A 145 66.57 8.08 -8.07
N LYS A 146 66.06 7.51 -6.99
CA LYS A 146 66.45 7.93 -5.64
C LYS A 146 67.17 6.84 -4.86
N ASN A 147 66.74 5.59 -5.00
CA ASN A 147 67.36 4.39 -4.41
C ASN A 147 67.39 4.48 -2.89
N PHE A 148 66.19 4.47 -2.31
CA PHE A 148 66.06 4.27 -0.88
C PHE A 148 66.52 2.86 -0.50
N THR A 149 67.14 2.74 0.67
CA THR A 149 67.54 1.43 1.15
C THR A 149 66.34 0.69 1.72
N ARG A 150 66.55 -0.59 2.05
CA ARG A 150 65.46 -1.42 2.54
C ARG A 150 65.06 -1.03 3.95
N GLU A 151 66.03 -0.64 4.78
CA GLU A 151 65.72 -0.22 6.14
C GLU A 151 64.99 1.12 6.16
N GLN A 152 65.38 2.05 5.29
CA GLN A 152 64.73 3.36 5.25
C GLN A 152 63.34 3.30 4.64
N VAL A 153 63.02 2.27 3.86
CA VAL A 153 61.67 2.12 3.33
C VAL A 153 60.84 1.17 4.19
N THR A 154 61.47 0.37 5.05
CA THR A 154 60.75 -0.60 5.88
C THR A 154 60.43 -0.04 7.25
N ASN A 155 61.43 0.52 7.94
CA ASN A 155 61.28 0.93 9.33
C ASN A 155 61.13 2.43 9.50
N GLU A 156 60.97 3.18 8.42
CA GLU A 156 60.93 4.63 8.51
C GLU A 156 59.82 5.29 7.71
N ILE A 157 59.30 4.66 6.65
CA ILE A 157 58.27 5.29 5.83
C ILE A 157 56.89 4.79 6.21
N THR A 158 56.63 3.49 6.06
CA THR A 158 55.35 2.92 6.46
C THR A 158 55.00 2.93 7.96
N PRO A 159 55.93 3.04 8.94
CA PRO A 159 55.46 3.38 10.30
C PRO A 159 54.80 4.75 10.38
N VAL A 160 55.35 5.74 9.65
CA VAL A 160 54.72 7.05 9.57
C VAL A 160 53.37 6.93 8.87
N LEU A 161 53.23 5.97 7.93
CA LEU A 161 51.94 5.70 7.33
C LEU A 161 50.94 5.15 8.34
N SER A 162 51.38 4.28 9.25
CA SER A 162 50.47 3.74 10.26
C SER A 162 50.03 4.82 11.26
N TYR A 163 50.99 5.61 11.77
CA TYR A 163 50.64 6.68 12.69
C TYR A 163 49.79 7.76 12.01
N SER A 164 50.02 8.01 10.73
CA SER A 164 49.21 8.97 10.00
C SER A 164 47.81 8.42 9.72
N TYR A 165 47.68 7.11 9.53
CA TYR A 165 46.35 6.52 9.37
C TYR A 165 45.55 6.63 10.66
N LEU A 166 46.22 6.48 11.80
CA LEU A 166 45.56 6.76 13.07
C LEU A 166 45.17 8.23 13.20
N ALA A 167 46.10 9.13 12.86
CA ALA A 167 45.91 10.57 13.02
C ALA A 167 45.07 11.20 11.92
N VAL A 168 44.59 10.42 10.95
CA VAL A 168 43.51 10.87 10.07
C VAL A 168 42.26 10.01 10.19
N LEU A 169 42.30 8.90 10.93
CA LEU A 169 41.06 8.20 11.21
C LEU A 169 40.35 8.81 12.41
N VAL A 170 41.10 9.26 13.41
CA VAL A 170 40.45 9.79 14.61
C VAL A 170 39.91 11.21 14.39
N PRO A 171 40.69 12.25 13.95
CA PRO A 171 40.07 13.58 13.83
C PRO A 171 39.18 13.73 12.61
N VAL A 172 39.64 13.22 11.46
CA VAL A 172 39.11 13.63 10.15
C VAL A 172 37.83 12.87 9.79
N PHE A 173 37.43 11.88 10.59
CA PHE A 173 36.19 11.15 10.30
C PHE A 173 34.95 12.03 10.54
N LEU A 174 35.00 12.90 11.55
CA LEU A 174 33.90 13.82 11.79
C LEU A 174 33.81 14.88 10.69
N LEU A 175 34.97 15.33 10.19
CA LEU A 175 34.99 16.27 9.08
C LEU A 175 34.56 15.61 7.79
N THR A 176 34.77 14.29 7.68
CA THR A 176 34.27 13.51 6.56
C THR A 176 32.75 13.43 6.59
N ASP A 177 32.19 13.15 7.76
CA ASP A 177 30.73 13.09 7.89
C ASP A 177 30.07 14.47 7.82
N TYR A 178 30.81 15.54 8.08
CA TYR A 178 30.20 16.86 8.25
C TYR A 178 30.08 17.64 6.95
N LEU A 179 31.05 17.53 6.04
CA LEU A 179 31.13 18.41 4.88
C LEU A 179 30.25 17.99 3.72
N ARG A 180 29.35 17.02 3.91
CA ARG A 180 28.40 16.52 2.91
C ARG A 180 29.09 15.88 1.69
N TYR A 181 30.34 15.42 1.88
CA TYR A 181 31.03 14.44 1.06
C TYR A 181 31.43 14.87 -0.35
N THR A 182 31.04 16.07 -0.81
CA THR A 182 31.63 16.55 -2.05
C THR A 182 32.98 17.26 -1.78
N PRO A 183 33.10 18.19 -0.80
CA PRO A 183 34.47 18.66 -0.47
C PRO A 183 35.33 17.62 0.20
N VAL A 184 34.75 16.55 0.74
CA VAL A 184 35.56 15.45 1.28
C VAL A 184 36.28 14.73 0.15
N LEU A 185 35.55 14.43 -0.93
CA LEU A 185 36.19 13.82 -2.09
C LEU A 185 37.11 14.81 -2.81
N LEU A 186 36.80 16.11 -2.75
CA LEU A 186 37.72 17.11 -3.29
C LEU A 186 39.03 17.16 -2.50
N LEU A 187 38.94 17.08 -1.17
CA LEU A 187 40.12 17.02 -0.33
C LEU A 187 40.89 15.72 -0.53
N GLN A 188 40.19 14.62 -0.83
CA GLN A 188 40.86 13.37 -1.15
C GLN A 188 41.61 13.47 -2.47
N GLY A 189 41.01 14.14 -3.46
CA GLY A 189 41.70 14.35 -4.72
C GLY A 189 42.91 15.26 -4.58
N LEU A 190 42.78 16.32 -3.77
CA LEU A 190 43.94 17.16 -3.46
C LEU A 190 45.00 16.39 -2.67
N SER A 191 44.59 15.42 -1.87
CA SER A 191 45.55 14.57 -1.17
C SER A 191 46.30 13.67 -2.16
N PHE A 192 45.61 13.13 -3.16
CA PHE A 192 46.29 12.38 -4.22
C PHE A 192 47.27 13.26 -4.99
N VAL A 193 46.86 14.51 -5.26
CA VAL A 193 47.74 15.49 -5.91
C VAL A 193 48.99 15.73 -5.07
N SER A 194 48.82 15.89 -3.76
CA SER A 194 49.96 16.09 -2.86
C SER A 194 50.86 14.86 -2.80
N VAL A 195 50.26 13.66 -2.83
CA VAL A 195 51.04 12.43 -2.77
C VAL A 195 51.91 12.27 -4.01
N TRP A 196 51.33 12.42 -5.20
CA TRP A 196 52.15 12.29 -6.39
C TRP A 196 53.07 13.49 -6.66
N LEU A 197 52.77 14.66 -6.10
CA LEU A 197 53.76 15.75 -6.20
C LEU A 197 54.93 15.55 -5.24
N LEU A 198 54.69 14.96 -4.07
CA LEU A 198 55.81 14.61 -3.20
C LEU A 198 56.55 13.37 -3.68
N LEU A 199 55.89 12.52 -4.47
CA LEU A 199 56.57 11.37 -5.04
C LEU A 199 57.41 11.75 -6.26
N LEU A 200 56.93 12.69 -7.07
CA LEU A 200 57.70 13.19 -8.20
C LEU A 200 58.77 14.20 -7.80
N LEU A 201 58.63 14.84 -6.63
CA LEU A 201 59.63 15.80 -6.19
C LEU A 201 60.21 15.40 -4.84
N GLY A 202 60.52 14.12 -4.68
CA GLY A 202 61.11 13.66 -3.43
C GLY A 202 62.57 14.07 -3.32
N HIS A 203 62.99 14.41 -2.11
CA HIS A 203 64.35 14.87 -1.86
C HIS A 203 64.99 14.05 -0.75
N SER A 204 64.19 13.61 0.22
CA SER A 204 64.72 12.88 1.36
C SER A 204 63.66 11.89 1.83
N VAL A 205 63.83 11.37 3.04
CA VAL A 205 62.90 10.37 3.57
C VAL A 205 61.69 11.06 4.21
N ALA A 206 61.89 12.23 4.81
CA ALA A 206 60.79 12.95 5.46
C ALA A 206 59.79 13.48 4.44
N HIS A 207 60.23 13.72 3.21
CA HIS A 207 59.29 14.05 2.14
C HIS A 207 58.36 12.87 1.85
N MET A 208 58.90 11.64 1.88
CA MET A 208 58.05 10.47 1.70
C MET A 208 57.20 10.20 2.93
N GLN A 209 57.67 10.63 4.12
CA GLN A 209 56.85 10.54 5.32
C GLN A 209 55.64 11.47 5.22
N LEU A 210 55.85 12.70 4.74
CA LEU A 210 54.74 13.61 4.47
C LEU A 210 53.86 13.09 3.35
N MET A 211 54.45 12.38 2.38
CA MET A 211 53.67 11.76 1.31
C MET A 211 52.74 10.68 1.86
N GLU A 212 53.21 9.87 2.80
CA GLU A 212 52.33 8.88 3.40
C GLU A 212 51.34 9.52 4.37
N LEU A 213 51.71 10.67 4.96
CA LEU A 213 50.74 11.45 5.74
C LEU A 213 49.58 11.92 4.89
N PHE A 214 49.85 12.36 3.66
CA PHE A 214 48.75 12.70 2.76
C PHE A 214 48.09 11.48 2.14
N TYR A 215 48.77 10.32 2.09
CA TYR A 215 48.19 9.11 1.53
C TYR A 215 47.27 8.39 2.51
N SER A 216 47.45 8.65 3.80
CA SER A 216 46.56 8.08 4.81
C SER A 216 45.13 8.59 4.67
N VAL A 217 44.98 9.85 4.26
CA VAL A 217 43.64 10.41 3.98
C VAL A 217 43.00 9.67 2.81
N THR A 218 43.81 9.33 1.79
CA THR A 218 43.30 8.64 0.62
C THR A 218 42.88 7.21 0.95
N MET A 219 43.66 6.51 1.78
CA MET A 219 43.22 5.17 2.16
C MET A 219 42.14 5.18 3.25
N ALA A 220 41.93 6.31 3.93
CA ALA A 220 40.91 6.39 4.95
C ALA A 220 39.56 6.88 4.44
N ALA A 221 39.54 7.58 3.29
CA ALA A 221 38.29 8.12 2.76
C ALA A 221 37.62 7.20 1.76
N ARG A 222 37.81 5.88 1.89
CA ARG A 222 37.11 4.94 1.00
C ARG A 222 35.67 4.71 1.46
N ILE A 223 35.40 4.85 2.76
CA ILE A 223 34.04 4.72 3.26
C ILE A 223 33.20 5.94 2.85
N ALA A 224 33.88 7.07 2.60
CA ALA A 224 33.20 8.32 2.22
C ALA A 224 32.51 8.20 0.87
N TYR A 225 32.99 7.32 -0.02
CA TYR A 225 32.35 7.15 -1.31
C TYR A 225 31.00 6.45 -1.17
N SER A 226 30.95 5.36 -0.40
CA SER A 226 29.68 4.69 -0.15
C SER A 226 28.75 5.54 0.70
N SER A 227 29.30 6.37 1.58
CA SER A 227 28.48 7.31 2.33
C SER A 227 27.91 8.40 1.42
N TYR A 228 28.67 8.82 0.40
CA TYR A 228 28.17 9.74 -0.61
C TYR A 228 27.05 9.11 -1.43
N ILE A 229 27.18 7.81 -1.72
CA ILE A 229 26.12 7.10 -2.44
C ILE A 229 24.85 7.02 -1.59
N PHE A 230 25.00 6.72 -0.29
CA PHE A 230 23.84 6.65 0.58
C PHE A 230 23.22 8.03 0.83
N SER A 231 24.02 9.09 0.79
CA SER A 231 23.49 10.43 0.94
C SER A 231 22.88 10.99 -0.33
N LEU A 232 23.26 10.45 -1.49
CA LEU A 232 22.70 10.91 -2.76
C LEU A 232 21.55 10.02 -3.22
N VAL A 233 21.77 8.72 -3.32
CA VAL A 233 20.76 7.79 -3.81
C VAL A 233 19.79 7.47 -2.68
N ARG A 234 18.50 7.45 -3.00
CA ARG A 234 17.44 7.16 -2.03
C ARG A 234 17.55 5.73 -1.50
N PRO A 235 17.04 5.47 -0.29
CA PRO A 235 17.03 4.09 0.22
C PRO A 235 16.12 3.14 -0.56
N ALA A 236 15.19 3.66 -1.36
CA ALA A 236 14.41 2.82 -2.27
C ALA A 236 15.14 2.54 -3.58
N ARG A 237 16.38 3.02 -3.72
CA ARG A 237 17.17 2.79 -4.92
C ARG A 237 18.61 2.43 -4.57
N TYR A 238 18.97 2.40 -3.28
CA TYR A 238 20.36 2.29 -2.85
C TYR A 238 20.96 0.93 -3.14
N GLN A 239 20.15 -0.12 -3.20
CA GLN A 239 20.68 -1.48 -3.32
C GLN A 239 21.29 -1.73 -4.70
N ARG A 240 20.50 -1.50 -5.75
CA ARG A 240 20.98 -1.77 -7.11
C ARG A 240 22.06 -0.78 -7.53
N VAL A 241 21.87 0.51 -7.23
CA VAL A 241 22.86 1.52 -7.60
C VAL A 241 24.15 1.32 -6.80
N ALA A 242 24.04 0.89 -5.55
CA ALA A 242 25.21 0.58 -4.76
C ALA A 242 25.95 -0.64 -5.30
N GLY A 243 25.20 -1.64 -5.79
CA GLY A 243 25.84 -2.79 -6.40
C GLY A 243 26.57 -2.45 -7.69
N TYR A 244 25.94 -1.65 -8.56
CA TYR A 244 26.62 -1.22 -9.78
C TYR A 244 27.79 -0.29 -9.48
N SER A 245 27.72 0.48 -8.39
CA SER A 245 28.84 1.36 -8.04
C SER A 245 30.02 0.57 -7.48
N ARG A 246 29.74 -0.46 -6.67
CA ARG A 246 30.82 -1.32 -6.19
C ARG A 246 31.46 -2.11 -7.31
N ALA A 247 30.65 -2.56 -8.28
CA ALA A 247 31.19 -3.19 -9.48
C ALA A 247 32.01 -2.21 -10.31
N ALA A 248 31.60 -0.95 -10.34
CA ALA A 248 32.36 0.07 -11.07
C ALA A 248 33.69 0.37 -10.39
N VAL A 249 33.71 0.37 -9.05
CA VAL A 249 34.95 0.60 -8.32
C VAL A 249 35.92 -0.56 -8.50
N LEU A 250 35.41 -1.81 -8.43
CA LEU A 250 36.27 -2.97 -8.65
C LEU A 250 36.78 -3.03 -10.08
N LEU A 251 35.93 -2.67 -11.05
CA LEU A 251 36.36 -2.61 -12.45
C LEU A 251 37.34 -1.48 -12.68
N GLY A 252 37.21 -0.38 -11.94
CA GLY A 252 38.17 0.71 -12.06
C GLY A 252 39.53 0.36 -11.50
N VAL A 253 39.57 -0.35 -10.37
CA VAL A 253 40.84 -0.81 -9.80
C VAL A 253 41.49 -1.84 -10.72
N PHE A 254 40.69 -2.76 -11.28
CA PHE A 254 41.22 -3.75 -12.22
C PHE A 254 41.72 -3.08 -13.50
N THR A 255 41.01 -2.07 -13.99
CA THR A 255 41.43 -1.34 -15.18
C THR A 255 42.68 -0.52 -14.91
N SER A 256 42.82 0.01 -13.70
CA SER A 256 44.04 0.72 -13.30
C SER A 256 45.24 -0.22 -13.28
N SER A 257 45.06 -1.44 -12.74
CA SER A 257 46.18 -2.37 -12.68
C SER A 257 46.53 -2.91 -14.07
N VAL A 258 45.53 -3.14 -14.92
CA VAL A 258 45.78 -3.58 -16.29
C VAL A 258 46.46 -2.48 -17.09
N LEU A 259 46.07 -1.22 -16.87
CA LEU A 259 46.73 -0.11 -17.55
C LEU A 259 48.16 0.10 -17.05
N GLY A 260 48.40 -0.17 -15.76
CA GLY A 260 49.76 -0.16 -15.26
C GLY A 260 50.63 -1.24 -15.87
N GLN A 261 50.04 -2.43 -16.09
CA GLN A 261 50.78 -3.48 -16.78
C GLN A 261 51.00 -3.17 -18.26
N LEU A 262 50.06 -2.46 -18.89
CA LEU A 262 50.24 -2.12 -20.30
C LEU A 262 51.24 -1.00 -20.48
N LEU A 263 51.38 -0.11 -19.49
CA LEU A 263 52.38 0.95 -19.61
C LEU A 263 53.77 0.47 -19.19
N VAL A 264 53.86 -0.24 -18.06
CA VAL A 264 55.16 -0.62 -17.53
C VAL A 264 55.76 -1.79 -18.32
N THR A 265 55.04 -2.91 -18.36
CA THR A 265 55.58 -4.12 -18.98
C THR A 265 55.49 -4.06 -20.50
N VAL A 266 54.30 -3.79 -21.03
CA VAL A 266 54.09 -3.82 -22.48
C VAL A 266 54.67 -2.57 -23.13
N GLY A 267 54.21 -1.40 -22.69
CA GLY A 267 54.61 -0.15 -23.32
C GLY A 267 56.02 0.31 -23.00
N ARG A 268 56.65 -0.29 -21.98
CA ARG A 268 58.01 0.05 -21.52
C ARG A 268 58.14 1.52 -21.13
N VAL A 269 57.08 2.06 -20.54
CA VAL A 269 57.05 3.45 -20.10
C VAL A 269 57.83 3.54 -18.79
N SER A 270 58.70 4.56 -18.68
CA SER A 270 59.52 4.75 -17.49
C SER A 270 58.65 5.13 -16.29
N PHE A 271 59.21 4.90 -15.10
CA PHE A 271 58.44 5.07 -13.87
C PHE A 271 58.15 6.53 -13.56
N SER A 272 59.05 7.44 -13.95
CA SER A 272 58.78 8.86 -13.80
C SER A 272 57.67 9.31 -14.74
N THR A 273 57.69 8.81 -15.98
CA THR A 273 56.60 9.08 -16.90
C THR A 273 55.31 8.36 -16.47
N LEU A 274 55.46 7.20 -15.81
CA LEU A 274 54.32 6.50 -15.23
C LEU A 274 53.64 7.36 -14.16
N ASN A 275 54.43 7.96 -13.28
CA ASN A 275 53.85 8.84 -12.27
C ASN A 275 53.38 10.16 -12.85
N TYR A 276 53.95 10.60 -13.98
CA TYR A 276 53.38 11.72 -14.72
C TYR A 276 51.98 11.41 -15.21
N ILE A 277 51.79 10.21 -15.77
CA ILE A 277 50.48 9.76 -16.24
C ILE A 277 49.51 9.62 -15.06
N SER A 278 50.02 9.12 -13.93
CA SER A 278 49.22 9.00 -12.71
C SER A 278 48.79 10.37 -12.20
N LEU A 279 49.68 11.35 -12.25
CA LEU A 279 49.35 12.71 -11.83
C LEU A 279 48.35 13.35 -12.76
N ALA A 280 48.44 13.06 -14.06
CA ALA A 280 47.46 13.59 -15.02
C ALA A 280 46.07 13.01 -14.79
N PHE A 281 45.99 11.68 -14.60
CA PHE A 281 44.69 11.07 -14.31
C PHE A 281 44.16 11.46 -12.94
N LEU A 282 45.03 11.80 -11.98
CA LEU A 282 44.51 12.26 -10.70
C LEU A 282 44.07 13.72 -10.74
N THR A 283 44.69 14.55 -11.59
CA THR A 283 44.11 15.87 -11.84
C THR A 283 42.77 15.76 -12.56
N PHE A 284 42.63 14.76 -13.45
CA PHE A 284 41.33 14.48 -14.04
C PHE A 284 40.31 14.03 -12.99
N SER A 285 40.78 13.27 -11.99
CA SER A 285 39.91 12.88 -10.88
C SER A 285 39.52 14.07 -10.01
N VAL A 286 40.42 15.05 -9.85
CA VAL A 286 40.09 16.29 -9.14
C VAL A 286 39.05 17.09 -9.92
N VAL A 287 39.16 17.11 -11.25
CA VAL A 287 38.15 17.80 -12.08
C VAL A 287 36.80 17.10 -11.98
N LEU A 288 36.81 15.76 -11.98
CA LEU A 288 35.56 15.01 -11.80
C LEU A 288 34.98 15.17 -10.40
N ALA A 289 35.83 15.38 -9.39
CA ALA A 289 35.33 15.68 -8.05
C ALA A 289 34.77 17.09 -7.98
N LEU A 290 35.31 18.02 -8.77
CA LEU A 290 34.72 19.36 -8.88
C LEU A 290 33.41 19.32 -9.62
N PHE A 291 33.19 18.32 -10.49
CA PHE A 291 31.95 18.18 -11.23
C PHE A 291 30.97 17.21 -10.54
N LEU A 292 30.98 17.17 -9.22
CA LEU A 292 30.04 16.36 -8.45
C LEU A 292 28.79 17.17 -8.11
N LYS A 293 27.93 16.59 -7.29
CA LYS A 293 26.74 17.27 -6.77
C LYS A 293 26.70 17.07 -5.27
N ARG A 294 26.49 18.17 -4.54
CA ARG A 294 26.51 18.12 -3.08
C ARG A 294 25.15 17.69 -2.55
N PRO A 295 25.06 16.57 -1.82
CA PRO A 295 23.75 16.15 -1.28
C PRO A 295 23.37 16.90 -0.02
N LYS A 296 22.26 16.49 0.60
CA LYS A 296 21.76 17.13 1.80
C LYS A 296 21.72 16.20 3.00
N ARG A 297 21.12 15.02 2.87
CA ARG A 297 20.90 14.12 4.00
C ARG A 297 22.20 13.39 4.33
N SER A 298 22.98 13.98 5.23
CA SER A 298 24.23 13.37 5.67
C SER A 298 23.96 12.26 6.69
N LEU A 299 25.02 11.62 7.16
CA LEU A 299 24.86 10.49 8.07
C LEU A 299 24.60 10.95 9.49
N PHE A 300 25.56 11.64 10.10
CA PHE A 300 25.51 11.98 11.51
C PHE A 300 25.32 13.48 11.76
N PHE A 301 24.83 14.21 10.76
CA PHE A 301 24.56 15.63 10.94
C PHE A 301 23.25 16.09 10.31
N ASN A 302 22.47 15.19 9.72
CA ASN A 302 21.17 15.54 9.14
C ASN A 302 20.15 14.42 9.39
N VAL A 339 18.38 12.03 19.78
CA VAL A 339 19.37 11.65 18.78
C VAL A 339 20.30 10.58 19.34
N LEU A 340 21.04 10.93 20.40
CA LEU A 340 21.98 10.00 21.00
C LEU A 340 21.27 8.93 21.83
N ALA A 341 20.14 9.29 22.45
CA ALA A 341 19.45 8.35 23.34
C ALA A 341 18.83 7.19 22.57
N ARG A 342 18.26 7.47 21.39
CA ARG A 342 17.71 6.40 20.56
C ARG A 342 18.80 5.49 20.03
N MET A 343 19.96 6.06 19.70
CA MET A 343 21.09 5.26 19.24
C MET A 343 21.64 4.38 20.35
N LEU A 344 21.71 4.90 21.58
CA LEU A 344 22.17 4.09 22.70
C LEU A 344 21.14 3.01 23.06
N ARG A 345 19.85 3.32 22.94
CA ARG A 345 18.82 2.33 23.22
C ARG A 345 18.81 1.21 22.19
N GLU A 346 19.06 1.54 20.91
CA GLU A 346 19.15 0.51 19.90
C GLU A 346 20.49 -0.21 19.90
N LEU A 347 21.52 0.40 20.49
CA LEU A 347 22.83 -0.24 20.59
C LEU A 347 22.97 -1.13 21.81
N GLY A 348 22.17 -0.90 22.86
CA GLY A 348 22.22 -1.71 24.06
C GLY A 348 21.83 -3.16 23.88
N ASP A 349 21.09 -3.49 22.82
CA ASP A 349 20.78 -4.87 22.51
C ASP A 349 21.87 -5.55 21.70
N SER A 350 22.92 -4.83 21.31
CA SER A 350 24.02 -5.38 20.53
C SER A 350 25.36 -4.98 21.15
N LEU A 351 25.48 -5.15 22.47
CA LEU A 351 26.71 -4.88 23.18
C LEU A 351 27.51 -6.14 23.49
N ARG A 352 26.86 -7.18 24.00
CA ARG A 352 27.53 -8.39 24.45
C ARG A 352 27.00 -9.62 23.72
N ARG A 353 26.68 -9.46 22.43
CA ARG A 353 26.29 -10.63 21.65
C ARG A 353 27.53 -11.45 21.28
N PRO A 354 27.45 -12.78 21.36
CA PRO A 354 28.66 -13.59 21.13
C PRO A 354 29.09 -13.64 19.67
N GLN A 355 28.15 -13.77 18.73
CA GLN A 355 28.51 -13.83 17.32
C GLN A 355 28.99 -12.48 16.80
N LEU A 356 28.35 -11.39 17.25
CA LEU A 356 28.76 -10.06 16.85
C LEU A 356 30.14 -9.71 17.37
N ARG A 357 30.42 -10.07 18.63
CA ARG A 357 31.75 -9.86 19.19
C ARG A 357 32.79 -10.75 18.52
N LEU A 358 32.41 -11.97 18.14
CA LEU A 358 33.31 -12.87 17.42
C LEU A 358 33.71 -12.30 16.06
N TRP A 359 32.72 -11.87 15.27
CA TRP A 359 33.03 -11.29 13.96
C TRP A 359 33.72 -9.93 14.09
N SER A 360 33.44 -9.16 15.15
CA SER A 360 34.10 -7.88 15.31
C SER A 360 35.57 -8.05 15.69
N LEU A 361 35.86 -8.95 16.63
CA LEU A 361 37.25 -9.20 17.00
C LEU A 361 38.03 -9.87 15.86
N TRP A 362 37.36 -10.74 15.09
CA TRP A 362 37.99 -11.29 13.90
C TRP A 362 38.28 -10.21 12.87
N TRP A 363 37.35 -9.26 12.70
CA TRP A 363 37.55 -8.16 11.77
C TRP A 363 38.72 -7.29 12.19
N VAL A 364 38.83 -7.00 13.49
CA VAL A 364 39.93 -6.19 14.01
C VAL A 364 41.27 -6.90 13.81
N PHE A 365 41.36 -8.16 14.24
CA PHE A 365 42.62 -8.89 14.19
C PHE A 365 43.05 -9.17 12.75
N ASN A 366 42.15 -9.71 11.93
CA ASN A 366 42.51 -10.03 10.56
C ASN A 366 42.64 -8.78 9.70
N SER A 367 42.02 -7.66 10.07
CA SER A 367 42.23 -6.43 9.32
C SER A 367 43.59 -5.84 9.64
N ALA A 368 44.01 -5.90 10.92
CA ALA A 368 45.37 -5.49 11.28
C ALA A 368 46.41 -6.35 10.58
N GLY A 369 46.16 -7.67 10.52
CA GLY A 369 47.06 -8.55 9.79
C GLY A 369 47.07 -8.29 8.30
N TYR A 370 45.90 -7.97 7.73
CA TYR A 370 45.79 -7.68 6.31
C TYR A 370 46.56 -6.42 5.93
N TYR A 371 46.39 -5.34 6.71
CA TYR A 371 47.11 -4.12 6.39
C TYR A 371 48.60 -4.24 6.67
N LEU A 372 49.01 -5.02 7.68
CA LEU A 372 50.43 -5.25 7.88
C LEU A 372 51.04 -6.16 6.82
N VAL A 373 50.23 -6.98 6.15
CA VAL A 373 50.75 -7.73 5.00
C VAL A 373 50.83 -6.83 3.77
N VAL A 374 49.82 -5.99 3.55
CA VAL A 374 49.77 -5.17 2.33
C VAL A 374 50.82 -4.06 2.36
N TYR A 375 51.07 -3.48 3.54
CA TYR A 375 52.04 -2.39 3.65
C TYR A 375 53.47 -2.84 3.44
N TYR A 376 53.76 -4.14 3.56
CA TYR A 376 55.11 -4.66 3.43
C TYR A 376 55.27 -5.66 2.30
N VAL A 377 54.19 -6.04 1.62
CA VAL A 377 54.32 -7.06 0.58
C VAL A 377 54.98 -6.49 -0.67
N HIS A 378 54.86 -5.18 -0.90
CA HIS A 378 55.58 -4.57 -2.02
C HIS A 378 57.07 -4.46 -1.71
N ILE A 379 57.41 -4.23 -0.44
CA ILE A 379 58.80 -4.26 0.00
C ILE A 379 59.37 -5.67 -0.16
N LEU A 380 58.56 -6.69 0.14
CA LEU A 380 58.98 -8.08 -0.08
C LEU A 380 59.18 -8.39 -1.55
N TRP A 381 58.28 -7.89 -2.40
CA TRP A 381 58.37 -8.13 -3.84
C TRP A 381 59.58 -7.44 -4.45
N ASN A 382 59.95 -6.26 -3.94
CA ASN A 382 61.18 -5.62 -4.40
C ASN A 382 62.41 -6.18 -3.70
N GLU A 383 62.23 -6.94 -2.61
CA GLU A 383 63.35 -7.57 -1.93
C GLU A 383 63.78 -8.86 -2.61
N VAL A 384 62.81 -9.73 -2.92
CA VAL A 384 63.14 -11.05 -3.44
C VAL A 384 63.64 -10.97 -4.89
N ASP A 385 63.00 -10.12 -5.71
CA ASP A 385 63.37 -9.96 -7.11
C ASP A 385 63.72 -8.49 -7.37
N PRO A 386 64.98 -8.09 -7.08
CA PRO A 386 65.37 -6.68 -7.28
C PRO A 386 65.93 -6.41 -8.68
N THR A 387 65.11 -6.72 -9.70
CA THR A 387 65.54 -6.49 -11.07
C THR A 387 65.47 -5.00 -11.40
N THR A 388 66.57 -4.47 -11.95
CA THR A 388 66.68 -3.06 -12.29
C THR A 388 65.90 -2.71 -13.56
N ASN A 389 65.49 -3.70 -14.36
CA ASN A 389 64.70 -3.42 -15.54
C ASN A 389 63.29 -3.04 -15.14
N SER A 390 62.72 -2.06 -15.85
CA SER A 390 61.40 -1.57 -15.50
C SER A 390 60.32 -2.54 -15.93
N ALA A 391 60.42 -3.10 -17.14
CA ALA A 391 59.40 -3.98 -17.68
C ALA A 391 59.39 -5.36 -17.03
N ARG A 392 60.42 -5.71 -16.25
CA ARG A 392 60.48 -7.00 -15.58
C ARG A 392 59.94 -6.95 -14.15
N VAL A 393 59.02 -6.02 -13.86
CA VAL A 393 58.39 -5.88 -12.55
C VAL A 393 56.91 -6.14 -12.73
N TYR A 394 56.43 -7.25 -12.16
CA TYR A 394 55.07 -7.73 -12.38
C TYR A 394 54.20 -7.60 -11.13
N ASN A 395 54.35 -6.47 -10.41
CA ASN A 395 53.51 -6.25 -9.25
C ASN A 395 52.09 -5.87 -9.66
N GLY A 396 51.93 -5.21 -10.81
CA GLY A 396 50.62 -4.83 -11.29
C GLY A 396 49.80 -6.01 -11.76
N ALA A 397 50.46 -7.04 -12.29
CA ALA A 397 49.74 -8.25 -12.68
C ALA A 397 49.23 -9.00 -11.46
N ALA A 398 50.03 -9.04 -10.40
CA ALA A 398 49.58 -9.60 -9.13
C ALA A 398 48.45 -8.76 -8.53
N ASP A 399 48.50 -7.44 -8.70
CA ASP A 399 47.44 -6.58 -8.19
C ASP A 399 46.13 -6.80 -8.96
N ALA A 400 46.23 -6.96 -10.29
CA ALA A 400 45.04 -7.22 -11.11
C ALA A 400 44.44 -8.59 -10.79
N ALA A 401 45.28 -9.61 -10.66
CA ALA A 401 44.77 -10.94 -10.31
C ALA A 401 44.21 -10.98 -8.90
N SER A 402 44.79 -10.20 -7.98
CA SER A 402 44.28 -10.15 -6.61
C SER A 402 42.93 -9.42 -6.55
N THR A 403 42.79 -8.34 -7.33
CA THR A 403 41.50 -7.64 -7.40
C THR A 403 40.44 -8.51 -8.06
N LEU A 404 40.81 -9.27 -9.09
CA LEU A 404 39.86 -10.16 -9.76
C LEU A 404 39.44 -11.31 -8.83
N LEU A 405 40.38 -11.93 -8.12
CA LEU A 405 40.02 -13.01 -7.21
C LEU A 405 39.26 -12.49 -6.01
N GLY A 406 39.54 -11.26 -5.57
CA GLY A 406 38.74 -10.65 -4.52
C GLY A 406 37.32 -10.37 -4.96
N ALA A 407 37.14 -9.97 -6.22
CA ALA A 407 35.80 -9.77 -6.75
C ALA A 407 35.06 -11.10 -6.90
N ILE A 408 35.78 -12.17 -7.25
CA ILE A 408 35.16 -13.49 -7.36
C ILE A 408 34.74 -14.01 -5.98
N THR A 409 35.63 -13.88 -4.98
CA THR A 409 35.30 -14.35 -3.64
C THR A 409 34.27 -13.47 -2.95
N SER A 410 34.18 -12.19 -3.34
CA SER A 410 33.07 -11.37 -2.86
C SER A 410 31.77 -11.74 -3.56
N PHE A 411 31.85 -12.19 -4.82
CA PHE A 411 30.67 -12.74 -5.48
C PHE A 411 30.30 -14.10 -4.92
N ALA A 412 31.27 -14.82 -4.34
CA ALA A 412 31.06 -16.14 -3.75
C ALA A 412 31.12 -16.10 -2.23
N ALA A 413 30.61 -15.02 -1.63
CA ALA A 413 30.52 -14.90 -0.18
C ALA A 413 29.09 -14.85 0.31
N GLY A 414 28.22 -14.08 -0.35
CA GLY A 414 26.82 -14.02 0.02
C GLY A 414 25.99 -15.20 -0.42
N PHE A 415 26.55 -16.10 -1.22
CA PHE A 415 25.86 -17.29 -1.70
C PHE A 415 25.95 -18.45 -0.71
N VAL A 416 26.57 -18.25 0.45
CA VAL A 416 26.74 -19.32 1.43
C VAL A 416 25.42 -19.46 2.18
N LYS A 417 24.63 -20.46 1.79
CA LYS A 417 23.39 -20.79 2.49
C LYS A 417 23.62 -21.90 3.51
N ILE A 418 24.60 -21.71 4.39
CA ILE A 418 25.00 -22.69 5.38
C ILE A 418 24.75 -22.09 6.75
N ARG A 419 24.18 -22.89 7.66
CA ARG A 419 23.91 -22.44 9.02
C ARG A 419 25.22 -22.18 9.76
N TRP A 420 25.32 -21.01 10.38
CA TRP A 420 26.54 -20.54 11.03
C TRP A 420 26.58 -20.86 12.51
N ALA A 421 25.93 -21.95 12.93
CA ALA A 421 25.89 -22.30 14.35
C ALA A 421 27.18 -22.97 14.80
N ARG A 422 27.57 -24.05 14.13
CA ARG A 422 28.73 -24.85 14.53
C ARG A 422 29.94 -24.66 13.62
N TRP A 423 29.73 -24.48 12.32
CA TRP A 423 30.80 -24.42 11.35
C TRP A 423 31.35 -23.01 11.13
N SER A 424 31.23 -22.13 12.12
CA SER A 424 31.74 -20.77 12.02
C SER A 424 33.19 -20.67 12.49
N LYS A 425 33.44 -21.06 13.75
CA LYS A 425 34.76 -20.89 14.34
C LYS A 425 35.80 -21.83 13.74
N LEU A 426 35.38 -23.02 13.31
CA LEU A 426 36.30 -23.91 12.61
C LEU A 426 36.66 -23.37 11.23
N LEU A 427 35.71 -22.71 10.57
CA LEU A 427 36.01 -22.06 9.30
C LEU A 427 36.93 -20.86 9.49
N ILE A 428 36.74 -20.12 10.58
CA ILE A 428 37.64 -19.01 10.91
C ILE A 428 39.05 -19.51 11.20
N ALA A 429 39.16 -20.64 11.92
CA ALA A 429 40.46 -21.25 12.19
C ALA A 429 41.12 -21.76 10.92
N GLY A 430 40.32 -22.30 9.99
CA GLY A 430 40.88 -22.74 8.72
C GLY A 430 41.34 -21.60 7.84
N VAL A 431 40.60 -20.48 7.83
CA VAL A 431 41.01 -19.31 7.05
C VAL A 431 42.27 -18.67 7.64
N THR A 432 42.36 -18.60 8.97
CA THR A 432 43.58 -18.08 9.59
C THR A 432 44.75 -19.03 9.42
N ALA A 433 44.51 -20.34 9.34
CA ALA A 433 45.59 -21.27 9.05
C ALA A 433 46.07 -21.14 7.60
N THR A 434 45.13 -20.87 6.69
CA THR A 434 45.50 -20.59 5.30
C THR A 434 46.31 -19.30 5.20
N GLN A 435 45.92 -18.28 5.96
CA GLN A 435 46.68 -17.04 6.00
C GLN A 435 48.08 -17.25 6.60
N ALA A 436 48.18 -18.09 7.62
CA ALA A 436 49.49 -18.42 8.20
C ALA A 436 50.36 -19.16 7.20
N GLY A 437 49.76 -20.09 6.43
CA GLY A 437 50.51 -20.80 5.41
C GLY A 437 50.99 -19.89 4.29
N LEU A 438 50.15 -18.93 3.88
CA LEU A 438 50.53 -18.02 2.81
C LEU A 438 51.61 -17.03 3.28
N VAL A 439 51.51 -16.54 4.53
CA VAL A 439 52.54 -15.66 5.06
C VAL A 439 53.84 -16.42 5.27
N PHE A 440 53.77 -17.69 5.68
CA PHE A 440 54.97 -18.50 5.82
C PHE A 440 55.59 -18.82 4.47
N LEU A 441 54.78 -18.98 3.42
CA LEU A 441 55.32 -19.16 2.07
C LEU A 441 55.97 -17.88 1.57
N LEU A 442 55.41 -16.73 1.94
CA LEU A 442 56.03 -15.44 1.60
C LEU A 442 57.27 -15.16 2.45
N ALA A 443 57.44 -15.84 3.58
CA ALA A 443 58.52 -15.52 4.50
C ALA A 443 59.82 -16.26 4.20
N HIS A 444 59.75 -17.50 3.69
CA HIS A 444 60.95 -18.30 3.48
C HIS A 444 61.27 -18.48 1.99
N THR A 445 60.67 -17.68 1.13
CA THR A 445 60.93 -17.76 -0.31
C THR A 445 62.14 -16.89 -0.65
N ARG A 446 63.23 -17.53 -1.06
CA ARG A 446 64.46 -16.86 -1.47
C ARG A 446 64.90 -17.35 -2.84
N HIS A 447 63.95 -17.39 -3.77
CA HIS A 447 64.20 -17.91 -5.11
C HIS A 447 63.59 -16.99 -6.16
N PRO A 448 64.29 -16.74 -7.27
CA PRO A 448 63.75 -15.80 -8.27
C PRO A 448 62.57 -16.36 -9.06
N SER A 449 62.51 -17.67 -9.30
CA SER A 449 61.44 -18.25 -10.10
C SER A 449 60.22 -18.64 -9.29
N SER A 450 60.33 -18.71 -7.97
CA SER A 450 59.21 -19.11 -7.13
C SER A 450 58.35 -17.92 -6.70
N ILE A 451 58.92 -16.72 -6.67
CA ILE A 451 58.23 -15.53 -6.16
C ILE A 451 57.04 -15.17 -7.07
N TRP A 452 57.12 -15.56 -8.35
CA TRP A 452 55.99 -15.53 -9.28
C TRP A 452 54.74 -16.16 -8.68
N LEU A 453 54.88 -17.43 -8.26
CA LEU A 453 53.78 -18.13 -7.58
C LEU A 453 53.46 -17.46 -6.27
N CYS A 454 54.46 -16.88 -5.59
CA CYS A 454 54.21 -16.15 -4.37
C CYS A 454 53.41 -14.88 -4.63
N TYR A 455 53.59 -14.28 -5.81
CA TYR A 455 52.69 -13.21 -6.26
C TYR A 455 51.25 -13.71 -6.26
N ALA A 456 51.04 -14.89 -6.86
CA ALA A 456 49.72 -15.52 -6.85
C ALA A 456 49.29 -15.90 -5.43
N ALA A 457 50.27 -16.19 -4.56
CA ALA A 457 49.94 -16.47 -3.16
C ALA A 457 49.34 -15.25 -2.49
N PHE A 458 49.87 -14.05 -2.82
CA PHE A 458 49.25 -12.83 -2.34
C PHE A 458 47.87 -12.65 -2.95
N VAL A 459 47.70 -13.07 -4.21
CA VAL A 459 46.37 -13.16 -4.81
C VAL A 459 45.51 -14.13 -4.00
N LEU A 460 46.07 -15.28 -3.63
CA LEU A 460 45.38 -16.21 -2.76
C LEU A 460 45.19 -15.64 -1.36
N PHE A 461 46.05 -14.68 -0.96
CA PHE A 461 45.83 -14.00 0.31
C PHE A 461 44.55 -13.20 0.28
N ARG A 462 44.23 -12.60 -0.88
CA ARG A 462 42.92 -11.98 -1.04
C ARG A 462 41.83 -13.03 -1.05
N GLY A 463 42.13 -14.23 -1.58
CA GLY A 463 41.22 -15.36 -1.44
C GLY A 463 41.06 -15.84 -0.02
N SER A 464 42.00 -15.51 0.86
CA SER A 464 41.84 -15.75 2.28
C SER A 464 41.39 -14.52 3.04
N TYR A 465 41.20 -13.38 2.36
CA TYR A 465 40.68 -12.20 3.02
C TYR A 465 39.33 -11.77 2.49
N GLN A 466 39.21 -11.56 1.17
CA GLN A 466 37.95 -11.11 0.58
C GLN A 466 36.88 -12.19 0.54
N PHE A 467 37.19 -13.42 0.92
CA PHE A 467 36.18 -14.48 0.96
C PHE A 467 35.20 -14.27 2.09
N LEU A 468 35.60 -13.58 3.15
CA LEU A 468 34.77 -13.42 4.33
C LEU A 468 34.41 -11.97 4.65
N VAL A 469 34.91 -11.00 3.88
CA VAL A 469 34.58 -9.58 4.08
C VAL A 469 33.11 -9.28 3.78
N PRO A 470 32.48 -9.77 2.69
CA PRO A 470 31.01 -9.59 2.61
C PRO A 470 30.25 -10.39 3.66
N ILE A 471 30.79 -11.51 4.12
CA ILE A 471 30.15 -12.26 5.20
C ILE A 471 30.27 -11.51 6.52
N ALA A 472 31.42 -10.89 6.76
CA ALA A 472 31.59 -10.07 7.96
C ALA A 472 30.76 -8.79 7.88
N THR A 473 30.46 -8.32 6.67
CA THR A 473 29.55 -7.19 6.52
C THR A 473 28.10 -7.62 6.76
N PHE A 474 27.73 -8.81 6.29
CA PHE A 474 26.36 -9.29 6.42
C PHE A 474 26.04 -9.70 7.86
N GLN A 475 27.03 -10.19 8.60
CA GLN A 475 26.79 -10.57 9.99
C GLN A 475 26.86 -9.40 10.96
N ILE A 476 27.02 -8.18 10.48
CA ILE A 476 26.98 -6.98 11.30
C ILE A 476 25.86 -6.04 10.87
N ALA A 477 25.71 -5.84 9.55
CA ALA A 477 24.71 -4.90 9.03
C ALA A 477 23.28 -5.38 9.21
N SER A 478 23.06 -6.68 9.36
CA SER A 478 21.73 -7.25 9.48
C SER A 478 21.20 -7.23 10.91
N SER A 479 21.90 -6.59 11.84
CA SER A 479 21.49 -6.56 13.23
C SER A 479 21.14 -5.16 13.73
N LEU A 480 21.72 -4.11 13.16
CA LEU A 480 21.49 -2.75 13.62
C LEU A 480 21.06 -1.88 12.45
N SER A 481 20.77 -0.61 12.75
CA SER A 481 20.47 0.37 11.72
C SER A 481 21.74 0.75 10.97
N LYS A 482 21.55 1.44 9.84
CA LYS A 482 22.67 1.74 8.96
C LYS A 482 23.62 2.77 9.56
N GLU A 483 23.08 3.73 10.34
CA GLU A 483 23.93 4.66 11.06
C GLU A 483 24.73 3.93 12.13
N LEU A 484 24.08 3.05 12.88
CA LEU A 484 24.79 2.23 13.85
C LEU A 484 25.70 1.22 13.17
N CYS A 485 25.36 0.79 11.95
CA CYS A 485 26.25 -0.08 11.18
C CYS A 485 27.55 0.64 10.83
N ALA A 486 27.44 1.88 10.33
CA ALA A 486 28.63 2.67 10.04
C ALA A 486 29.41 3.00 11.31
N LEU A 487 28.72 3.18 12.44
CA LEU A 487 29.40 3.40 13.71
C LEU A 487 30.17 2.18 14.17
N VAL A 488 29.58 0.98 14.03
CA VAL A 488 30.24 -0.25 14.45
C VAL A 488 31.44 -0.56 13.56
N PHE A 489 31.30 -0.34 12.24
CA PHE A 489 32.46 -0.53 11.36
C PHE A 489 33.54 0.53 11.58
N GLY A 490 33.15 1.74 11.99
CA GLY A 490 34.15 2.74 12.34
C GLY A 490 34.90 2.38 13.62
N VAL A 491 34.19 1.84 14.61
CA VAL A 491 34.84 1.39 15.84
C VAL A 491 35.74 0.18 15.57
N ASN A 492 35.32 -0.70 14.67
CA ASN A 492 36.14 -1.85 14.32
C ASN A 492 37.40 -1.45 13.56
N THR A 493 37.28 -0.48 12.64
CA THR A 493 38.45 0.07 11.96
C THR A 493 39.36 0.81 12.94
N PHE A 494 38.78 1.47 13.94
CA PHE A 494 39.55 2.16 14.97
C PHE A 494 40.36 1.18 15.82
N PHE A 495 39.74 0.08 16.25
CA PHE A 495 40.49 -0.93 17.01
C PHE A 495 41.51 -1.67 16.16
N ALA A 496 41.22 -1.88 14.86
CA ALA A 496 42.22 -2.46 13.97
C ALA A 496 43.41 -1.53 13.80
N THR A 497 43.15 -0.22 13.76
CA THR A 497 44.22 0.77 13.71
C THR A 497 45.00 0.80 15.02
N ILE A 498 44.32 0.58 16.14
CA ILE A 498 45.02 0.48 17.44
C ILE A 498 45.97 -0.71 17.45
N VAL A 499 45.51 -1.87 16.99
CA VAL A 499 46.34 -3.07 16.96
C VAL A 499 47.53 -2.89 16.00
N LYS A 500 47.27 -2.30 14.83
CA LYS A 500 48.34 -2.03 13.88
C LYS A 500 49.35 -1.03 14.43
N THR A 501 48.88 -0.01 15.16
CA THR A 501 49.76 0.98 15.75
C THR A 501 50.60 0.39 16.87
N ILE A 502 50.02 -0.53 17.64
CA ILE A 502 50.77 -1.19 18.72
C ILE A 502 51.86 -2.10 18.14
N ILE A 503 51.53 -2.86 17.09
CA ILE A 503 52.54 -3.72 16.46
C ILE A 503 53.61 -2.88 15.77
N THR A 504 53.25 -1.74 15.21
CA THR A 504 54.22 -0.83 14.59
C THR A 504 55.14 -0.20 15.64
N PHE A 505 54.57 0.19 16.79
CA PHE A 505 55.36 0.81 17.86
C PHE A 505 56.29 -0.19 18.52
N ILE A 506 55.89 -1.46 18.62
CA ILE A 506 56.74 -2.43 19.28
C ILE A 506 57.79 -2.98 18.34
N VAL A 507 57.39 -3.41 17.14
CA VAL A 507 58.27 -4.24 16.32
C VAL A 507 59.25 -3.39 15.53
N SER A 508 58.75 -2.49 14.68
CA SER A 508 59.60 -1.80 13.71
C SER A 508 60.40 -0.65 14.32
N ASP A 509 60.18 -0.31 15.58
CA ASP A 509 60.88 0.83 16.19
C ASP A 509 62.34 0.47 16.46
N VAL A 510 63.24 1.39 16.12
CA VAL A 510 64.66 1.15 16.29
C VAL A 510 65.13 1.35 17.72
N ARG A 511 64.32 2.00 18.56
CA ARG A 511 64.67 2.17 19.97
C ARG A 511 64.22 0.99 20.82
N GLY A 512 63.32 0.15 20.32
CA GLY A 512 62.88 -1.02 21.04
C GLY A 512 63.53 -2.28 20.51
N LEU A 513 62.80 -3.02 19.66
CA LEU A 513 63.35 -4.24 19.08
C LEU A 513 64.37 -3.92 18.00
N GLY A 514 63.95 -3.21 16.95
CA GLY A 514 64.85 -2.90 15.85
C GLY A 514 65.13 -4.11 14.98
N LEU A 515 64.12 -4.60 14.28
CA LEU A 515 64.20 -5.86 13.56
C LEU A 515 63.99 -5.64 12.06
N PRO A 516 64.68 -6.40 11.21
CA PRO A 516 64.49 -6.27 9.76
C PRO A 516 63.18 -6.92 9.32
N VAL A 517 62.90 -6.81 8.01
CA VAL A 517 61.62 -7.22 7.45
C VAL A 517 61.47 -8.74 7.42
N ARG A 518 62.57 -9.48 7.41
CA ARG A 518 62.48 -10.94 7.39
C ARG A 518 61.97 -11.48 8.72
N LYS A 519 62.50 -10.97 9.83
CA LYS A 519 62.00 -11.36 11.13
C LYS A 519 60.61 -10.78 11.40
N GLN A 520 60.25 -9.66 10.76
CA GLN A 520 58.89 -9.16 10.84
C GLN A 520 57.90 -10.11 10.16
N PHE A 521 58.29 -10.66 9.01
CA PHE A 521 57.43 -11.64 8.34
C PHE A 521 57.38 -12.96 9.09
N GLN A 522 58.48 -13.36 9.72
CA GLN A 522 58.46 -14.54 10.58
C GLN A 522 57.54 -14.34 11.77
N LEU A 523 57.58 -13.14 12.37
CA LEU A 523 56.69 -12.83 13.49
C LEU A 523 55.24 -12.72 13.03
N TYR A 524 55.00 -12.27 11.79
CA TYR A 524 53.64 -12.25 11.27
C TYR A 524 53.11 -13.65 11.01
N SER A 525 53.98 -14.55 10.54
CA SER A 525 53.59 -15.95 10.37
C SER A 525 53.28 -16.61 11.70
N VAL A 526 54.10 -16.31 12.73
CA VAL A 526 53.83 -16.79 14.08
C VAL A 526 52.53 -16.18 14.63
N TYR A 527 52.25 -14.92 14.26
CA TYR A 527 51.04 -14.24 14.74
C TYR A 527 49.78 -14.86 14.13
N PHE A 528 49.78 -15.13 12.83
CA PHE A 528 48.65 -15.82 12.22
C PHE A 528 48.54 -17.26 12.70
N LEU A 529 49.66 -17.91 13.03
CA LEU A 529 49.60 -19.25 13.60
C LEU A 529 48.97 -19.23 15.00
N ILE A 530 49.32 -18.22 15.81
CA ILE A 530 48.73 -18.09 17.14
C ILE A 530 47.25 -17.76 17.05
N LEU A 531 46.85 -16.94 16.05
CA LEU A 531 45.43 -16.69 15.82
C LEU A 531 44.69 -17.95 15.39
N SER A 532 45.34 -18.79 14.58
CA SER A 532 44.76 -20.08 14.21
C SER A 532 44.59 -20.99 15.42
N ILE A 533 45.58 -21.00 16.32
CA ILE A 533 45.48 -21.80 17.54
C ILE A 533 44.35 -21.29 18.45
N ILE A 534 44.22 -19.97 18.56
CA ILE A 534 43.18 -19.39 19.43
C ILE A 534 41.79 -19.68 18.89
N TYR A 535 41.57 -19.46 17.59
CA TYR A 535 40.25 -19.75 17.04
C TYR A 535 39.99 -21.25 16.89
N PHE A 536 41.03 -22.09 16.84
CA PHE A 536 40.80 -23.53 16.84
C PHE A 536 40.43 -24.04 18.23
N LEU A 537 41.04 -23.47 19.28
CA LEU A 537 40.63 -23.81 20.63
C LEU A 537 39.25 -23.23 20.95
N GLY A 538 38.89 -22.12 20.31
CA GLY A 538 37.53 -21.62 20.43
C GLY A 538 36.53 -22.46 19.67
N ALA A 539 36.96 -23.09 18.57
CA ALA A 539 36.07 -23.96 17.81
C ALA A 539 35.83 -25.28 18.56
N MET A 540 36.89 -26.03 18.80
CA MET A 540 36.78 -27.31 19.49
C MET A 540 37.91 -27.47 20.52
N GLU B 23 -27.29 31.27 -10.16
CA GLU B 23 -26.70 29.95 -9.98
C GLU B 23 -26.69 29.18 -11.29
N VAL B 24 -25.80 28.19 -11.38
CA VAL B 24 -25.71 27.31 -12.54
C VAL B 24 -26.13 25.91 -12.10
N GLN B 25 -26.92 25.24 -12.93
CA GLN B 25 -27.43 23.92 -12.58
C GLN B 25 -27.80 23.16 -13.85
N LEU B 26 -28.21 21.91 -13.65
CA LEU B 26 -28.52 20.98 -14.71
C LEU B 26 -29.96 20.51 -14.61
N VAL B 27 -30.49 20.02 -15.72
CA VAL B 27 -31.83 19.43 -15.73
C VAL B 27 -31.85 18.36 -16.82
N GLU B 28 -32.63 17.31 -16.59
CA GLU B 28 -32.74 16.18 -17.51
C GLU B 28 -34.19 15.99 -17.92
N SER B 29 -34.38 15.51 -19.15
CA SER B 29 -35.72 15.21 -19.64
C SER B 29 -35.64 14.08 -20.66
N GLY B 30 -36.79 13.48 -20.96
CA GLY B 30 -36.90 12.46 -21.98
C GLY B 30 -37.09 11.05 -21.45
N GLY B 31 -36.88 10.83 -20.15
CA GLY B 31 -37.00 9.48 -19.61
C GLY B 31 -38.45 9.09 -19.40
N GLY B 32 -38.75 7.84 -19.73
CA GLY B 32 -40.10 7.31 -19.58
C GLY B 32 -40.13 5.81 -19.72
N LEU B 33 -41.15 5.29 -20.41
CA LEU B 33 -41.28 3.86 -20.65
C LEU B 33 -40.90 3.56 -22.09
N VAL B 34 -40.07 2.54 -22.29
CA VAL B 34 -39.67 2.07 -23.61
C VAL B 34 -39.75 0.55 -23.64
N GLN B 35 -39.85 0.02 -24.85
CA GLN B 35 -39.78 -1.42 -25.07
C GLN B 35 -38.32 -1.87 -25.00
N PRO B 36 -38.07 -3.15 -24.63
CA PRO B 36 -36.69 -3.67 -24.70
C PRO B 36 -36.19 -3.78 -26.12
N GLY B 37 -35.23 -2.92 -26.47
CA GLY B 37 -34.73 -2.83 -27.83
C GLY B 37 -35.18 -1.61 -28.59
N GLY B 38 -35.91 -0.70 -27.95
CA GLY B 38 -36.38 0.50 -28.60
C GLY B 38 -35.34 1.62 -28.60
N SER B 39 -35.80 2.82 -28.93
CA SER B 39 -34.94 3.99 -29.03
C SER B 39 -35.49 5.10 -28.15
N LEU B 40 -34.60 5.79 -27.45
CA LEU B 40 -34.99 6.88 -26.57
C LEU B 40 -33.88 7.92 -26.54
N ARG B 41 -34.26 9.20 -26.63
CA ARG B 41 -33.33 10.31 -26.71
C ARG B 41 -33.49 11.17 -25.46
N LEU B 42 -32.49 11.14 -24.58
CA LEU B 42 -32.48 11.97 -23.39
C LEU B 42 -31.90 13.33 -23.70
N SER B 43 -32.43 14.36 -23.04
CA SER B 43 -31.98 15.73 -23.23
C SER B 43 -31.47 16.25 -21.89
N CYS B 44 -30.19 16.62 -21.86
CA CYS B 44 -29.57 17.26 -20.70
C CYS B 44 -29.35 18.73 -21.02
N ALA B 45 -29.96 19.60 -20.24
CA ALA B 45 -29.81 21.04 -20.41
C ALA B 45 -29.06 21.62 -19.22
N ALA B 46 -28.22 22.61 -19.51
CA ALA B 46 -27.39 23.26 -18.50
C ALA B 46 -27.80 24.73 -18.43
N SER B 47 -28.58 25.07 -17.39
CA SER B 47 -29.00 26.45 -17.20
C SER B 47 -27.92 27.20 -16.46
N GLY B 48 -27.48 28.33 -17.02
CA GLY B 48 -26.31 29.01 -16.53
C GLY B 48 -25.11 28.89 -17.45
N PHE B 49 -24.19 27.98 -17.11
CA PHE B 49 -22.94 27.84 -17.83
C PHE B 49 -23.17 27.22 -19.21
N ASN B 50 -22.09 27.19 -20.00
CA ASN B 50 -22.10 26.60 -21.34
C ASN B 50 -21.22 25.36 -21.36
N VAL B 51 -21.47 24.51 -22.37
CA VAL B 51 -20.77 23.23 -22.48
C VAL B 51 -19.40 23.34 -23.13
N VAL B 52 -19.01 24.53 -23.60
CA VAL B 52 -17.68 24.69 -24.17
C VAL B 52 -16.61 24.84 -23.10
N ASP B 53 -16.98 25.15 -21.87
CA ASP B 53 -16.02 25.32 -20.79
C ASP B 53 -16.05 24.16 -19.81
N PHE B 54 -17.06 23.29 -19.88
CA PHE B 54 -17.15 22.13 -19.00
C PHE B 54 -17.75 20.96 -19.76
N SER B 55 -17.20 19.77 -19.53
CA SER B 55 -17.68 18.56 -20.19
C SER B 55 -18.85 17.96 -19.42
N LEU B 56 -19.67 17.19 -20.14
CA LEU B 56 -20.84 16.56 -19.56
C LEU B 56 -20.66 15.04 -19.49
N HIS B 57 -21.32 14.44 -18.51
CA HIS B 57 -21.15 13.03 -18.17
C HIS B 57 -22.50 12.43 -17.84
N TRP B 58 -22.61 11.11 -18.04
CA TRP B 58 -23.82 10.37 -17.69
C TRP B 58 -23.46 9.26 -16.72
N VAL B 59 -24.23 9.15 -15.64
CA VAL B 59 -23.99 8.18 -14.58
C VAL B 59 -25.26 7.36 -14.37
N ARG B 60 -25.13 6.03 -14.47
CA ARG B 60 -26.23 5.10 -14.27
C ARG B 60 -26.32 4.68 -12.81
N GLN B 61 -27.54 4.61 -12.30
CA GLN B 61 -27.81 4.04 -10.98
C GLN B 61 -29.01 3.13 -11.08
N ALA B 62 -28.79 1.83 -10.98
CA ALA B 62 -29.88 0.88 -10.92
C ALA B 62 -30.54 0.96 -9.54
N PRO B 63 -31.86 0.73 -9.45
CA PRO B 63 -32.52 0.74 -8.14
C PRO B 63 -32.09 -0.43 -7.29
N GLY B 64 -31.49 -0.13 -6.14
CA GLY B 64 -30.90 -1.11 -5.26
C GLY B 64 -29.40 -1.25 -5.43
N LYS B 65 -28.88 -1.02 -6.63
CA LYS B 65 -27.46 -1.09 -6.91
C LYS B 65 -26.83 0.28 -6.68
N GLY B 66 -25.57 0.43 -7.09
CA GLY B 66 -24.83 1.66 -6.89
C GLY B 66 -24.63 2.44 -8.19
N LEU B 67 -23.87 3.51 -8.06
CA LEU B 67 -23.57 4.37 -9.20
C LEU B 67 -22.58 3.70 -10.14
N GLU B 68 -22.70 4.02 -11.43
CA GLU B 68 -21.80 3.51 -12.46
C GLU B 68 -21.86 4.43 -13.68
N TRP B 69 -20.73 4.55 -14.36
CA TRP B 69 -20.54 5.50 -15.44
C TRP B 69 -20.99 4.94 -16.79
N VAL B 70 -21.50 5.82 -17.65
CA VAL B 70 -21.98 5.44 -18.98
C VAL B 70 -21.12 6.09 -20.08
N ALA B 71 -21.13 7.42 -20.16
CA ALA B 71 -20.54 8.10 -21.31
C ALA B 71 -20.22 9.54 -20.92
N TYR B 72 -19.49 10.21 -21.82
CA TYR B 72 -19.22 11.63 -21.63
C TYR B 72 -19.11 12.30 -23.00
N ILE B 73 -19.10 13.62 -22.97
CA ILE B 73 -18.87 14.41 -24.18
C ILE B 73 -18.23 15.73 -23.75
N SER B 74 -17.33 16.23 -24.60
CA SER B 74 -16.65 17.50 -24.41
C SER B 74 -16.84 18.34 -25.67
N SER B 75 -17.53 19.47 -25.54
CA SER B 75 -17.84 20.30 -26.69
C SER B 75 -16.65 21.11 -27.18
N SER B 76 -15.53 21.12 -26.47
CA SER B 76 -14.36 21.86 -26.92
C SER B 76 -13.69 21.15 -28.09
N SER B 77 -13.50 19.83 -27.99
CA SER B 77 -12.83 19.06 -29.02
C SER B 77 -13.71 17.97 -29.61
N GLY B 78 -14.37 17.18 -28.77
CA GLY B 78 -15.14 16.04 -29.23
C GLY B 78 -14.46 14.76 -28.83
N SER B 79 -14.92 14.15 -27.74
CA SER B 79 -14.26 13.00 -27.13
C SER B 79 -15.26 11.94 -26.74
N THR B 80 -16.12 11.54 -27.68
CA THR B 80 -17.21 10.60 -27.39
C THR B 80 -16.63 9.20 -27.16
N SER B 81 -16.14 8.99 -25.95
CA SER B 81 -15.60 7.72 -25.50
C SER B 81 -16.51 7.16 -24.41
N TYR B 82 -16.90 5.89 -24.56
CA TYR B 82 -18.01 5.32 -23.81
C TYR B 82 -17.48 4.28 -22.82
N ALA B 83 -18.39 3.69 -22.06
CA ALA B 83 -18.04 2.60 -21.17
C ALA B 83 -18.12 1.27 -21.90
N ASP B 84 -17.42 0.27 -21.36
CA ASP B 84 -17.32 -1.02 -22.04
C ASP B 84 -18.62 -1.80 -22.00
N SER B 85 -19.49 -1.53 -21.03
CA SER B 85 -20.79 -2.19 -20.99
C SER B 85 -21.79 -1.56 -21.93
N VAL B 86 -21.55 -0.32 -22.36
CA VAL B 86 -22.47 0.41 -23.24
C VAL B 86 -21.79 0.81 -24.55
N LYS B 87 -20.66 0.20 -24.87
CA LYS B 87 -19.90 0.58 -26.05
C LYS B 87 -20.59 0.09 -27.32
N GLY B 88 -20.72 0.99 -28.30
CA GLY B 88 -21.33 0.63 -29.55
C GLY B 88 -22.81 0.40 -29.50
N ARG B 89 -23.49 0.88 -28.45
CA ARG B 89 -24.92 0.67 -28.30
C ARG B 89 -25.61 2.00 -28.03
N PHE B 90 -24.87 2.94 -27.46
CA PHE B 90 -25.37 4.28 -27.18
C PHE B 90 -24.63 5.29 -28.06
N THR B 91 -25.16 6.52 -28.11
CA THR B 91 -24.46 7.60 -28.79
C THR B 91 -24.84 8.92 -28.14
N ILE B 92 -23.98 9.92 -28.30
CA ILE B 92 -24.15 11.20 -27.64
C ILE B 92 -23.77 12.31 -28.62
N SER B 93 -24.46 13.45 -28.49
CA SER B 93 -24.19 14.61 -29.35
C SER B 93 -24.58 15.87 -28.59
N ALA B 94 -23.61 16.76 -28.39
CA ALA B 94 -23.83 17.98 -27.62
C ALA B 94 -23.79 19.19 -28.55
N ASP B 95 -24.68 20.15 -28.29
CA ASP B 95 -24.75 21.39 -29.05
C ASP B 95 -24.57 22.57 -28.11
N THR B 96 -23.72 23.51 -28.50
CA THR B 96 -23.45 24.68 -27.68
C THR B 96 -24.32 25.88 -28.04
N SER B 97 -24.98 25.86 -29.19
CA SER B 97 -25.92 26.93 -29.51
C SER B 97 -27.21 26.79 -28.70
N LYS B 98 -27.69 25.57 -28.53
CA LYS B 98 -28.81 25.28 -27.66
C LYS B 98 -28.37 24.99 -26.22
N ASN B 99 -27.07 24.78 -26.01
CA ASN B 99 -26.45 24.50 -24.71
C ASN B 99 -27.08 23.25 -24.07
N THR B 100 -27.02 22.15 -24.81
CA THR B 100 -27.66 20.91 -24.37
C THR B 100 -26.89 19.72 -24.92
N ALA B 101 -27.32 18.53 -24.51
CA ALA B 101 -26.72 17.29 -24.94
C ALA B 101 -27.79 16.23 -25.12
N TYR B 102 -27.85 15.64 -26.31
CA TYR B 102 -28.79 14.57 -26.63
C TYR B 102 -28.05 13.23 -26.53
N LEU B 103 -28.55 12.35 -25.66
CA LEU B 103 -28.03 11.00 -25.50
C LEU B 103 -29.05 10.05 -26.13
N GLN B 104 -28.73 9.53 -27.30
CA GLN B 104 -29.63 8.64 -28.03
C GLN B 104 -29.24 7.20 -27.76
N MET B 105 -30.22 6.39 -27.34
CA MET B 105 -30.01 5.02 -26.92
C MET B 105 -30.90 4.12 -27.74
N ASN B 106 -30.31 3.19 -28.49
CA ASN B 106 -31.08 2.23 -29.26
C ASN B 106 -30.60 0.82 -28.94
N SER B 107 -31.51 -0.14 -29.15
CA SER B 107 -31.34 -1.57 -28.86
C SER B 107 -30.94 -1.81 -27.41
N LEU B 108 -31.82 -1.36 -26.51
CA LEU B 108 -31.57 -1.46 -25.08
C LEU B 108 -31.81 -2.89 -24.60
N ARG B 109 -31.37 -3.15 -23.37
CA ARG B 109 -31.57 -4.42 -22.68
C ARG B 109 -32.29 -4.16 -21.37
N ALA B 110 -32.54 -5.24 -20.62
CA ALA B 110 -33.25 -5.14 -19.35
C ALA B 110 -32.41 -4.56 -18.22
N GLU B 111 -31.09 -4.45 -18.42
CA GLU B 111 -30.22 -3.92 -17.38
C GLU B 111 -30.35 -2.40 -17.24
N ASP B 112 -30.79 -1.71 -18.29
CA ASP B 112 -30.82 -0.26 -18.32
C ASP B 112 -32.03 0.35 -17.62
N THR B 113 -32.81 -0.43 -16.87
CA THR B 113 -33.86 0.13 -16.04
C THR B 113 -33.19 0.84 -14.87
N ALA B 114 -32.98 2.15 -15.00
CA ALA B 114 -32.11 2.85 -14.06
C ALA B 114 -32.39 4.34 -14.10
N VAL B 115 -31.78 5.05 -13.15
CA VAL B 115 -31.80 6.50 -13.09
C VAL B 115 -30.49 7.01 -13.70
N TYR B 116 -30.62 7.86 -14.71
CA TYR B 116 -29.46 8.45 -15.38
C TYR B 116 -29.29 9.88 -14.90
N TYR B 117 -28.11 10.18 -14.37
CA TYR B 117 -27.75 11.52 -13.92
C TYR B 117 -26.82 12.16 -14.93
N CYS B 118 -27.10 13.41 -15.28
CA CYS B 118 -26.24 14.20 -16.15
C CYS B 118 -25.42 15.15 -15.28
N ALA B 119 -24.11 14.97 -15.30
CA ALA B 119 -23.22 15.67 -14.37
C ALA B 119 -22.22 16.53 -15.14
N ARG B 120 -21.85 17.64 -14.51
CA ARG B 120 -20.82 18.53 -15.03
C ARG B 120 -19.47 18.11 -14.48
N TRP B 121 -18.43 18.22 -15.31
CA TRP B 121 -17.07 18.04 -14.83
C TRP B 121 -16.13 18.79 -15.75
N GLY B 122 -15.12 19.43 -15.16
CA GLY B 122 -14.33 20.41 -15.86
C GLY B 122 -13.14 19.83 -16.61
N TYR B 123 -12.44 20.70 -17.32
CA TYR B 123 -11.25 20.35 -18.08
C TYR B 123 -10.00 20.60 -17.24
N TRP B 124 -8.92 19.96 -17.66
CA TRP B 124 -7.60 20.25 -17.10
C TRP B 124 -7.18 21.66 -17.48
N PRO B 125 -6.53 22.41 -16.57
CA PRO B 125 -6.14 22.15 -15.18
C PRO B 125 -6.92 22.90 -14.10
N GLY B 126 -6.57 22.62 -12.85
CA GLY B 126 -6.89 23.53 -11.76
C GLY B 126 -8.30 23.37 -11.25
N GLU B 127 -8.97 24.51 -11.08
CA GLU B 127 -10.33 24.54 -10.52
C GLU B 127 -11.38 23.76 -11.31
N PRO B 128 -11.40 23.73 -12.66
CA PRO B 128 -12.37 22.82 -13.31
C PRO B 128 -12.09 21.34 -13.12
N TRP B 129 -10.84 20.89 -13.25
CA TRP B 129 -10.60 19.46 -13.25
C TRP B 129 -10.55 18.88 -11.84
N TRP B 130 -9.81 19.53 -10.94
CA TRP B 130 -9.63 18.97 -9.59
C TRP B 130 -10.91 18.97 -8.80
N LYS B 131 -11.82 19.91 -9.07
CA LYS B 131 -13.18 19.77 -8.59
C LYS B 131 -13.87 18.66 -9.38
N ALA B 132 -14.50 17.75 -8.65
CA ALA B 132 -15.14 16.56 -9.20
C ALA B 132 -16.51 16.89 -9.79
N PHE B 133 -17.37 15.88 -9.94
CA PHE B 133 -18.72 16.13 -10.42
C PHE B 133 -19.46 16.94 -9.36
N ASP B 134 -19.42 18.26 -9.50
CA ASP B 134 -19.85 19.16 -8.43
C ASP B 134 -21.35 19.45 -8.47
N TYR B 135 -21.90 19.74 -9.64
CA TYR B 135 -23.32 20.08 -9.75
C TYR B 135 -24.01 18.95 -10.53
N TRP B 136 -24.46 17.94 -9.79
CA TRP B 136 -25.29 16.90 -10.35
C TRP B 136 -26.66 17.45 -10.71
N GLY B 137 -27.28 16.85 -11.72
CA GLY B 137 -28.62 17.25 -12.12
C GLY B 137 -29.69 16.58 -11.29
N GLN B 138 -30.94 16.83 -11.68
CA GLN B 138 -32.06 16.22 -10.99
C GLN B 138 -32.15 14.72 -11.27
N GLY B 139 -31.71 14.30 -12.46
CA GLY B 139 -31.68 12.90 -12.80
C GLY B 139 -32.96 12.40 -13.44
N THR B 140 -32.86 11.89 -14.65
CA THR B 140 -34.02 11.31 -15.33
C THR B 140 -34.09 9.82 -15.01
N LEU B 141 -35.25 9.23 -15.27
CA LEU B 141 -35.48 7.83 -14.94
C LEU B 141 -35.97 7.10 -16.18
N VAL B 142 -35.29 6.02 -16.54
CA VAL B 142 -35.71 5.19 -17.67
C VAL B 142 -35.98 3.79 -17.17
N THR B 143 -36.92 3.12 -17.82
CA THR B 143 -37.31 1.78 -17.44
C THR B 143 -37.46 0.91 -18.68
N VAL B 144 -37.19 -0.39 -18.52
CA VAL B 144 -37.26 -1.36 -19.59
C VAL B 144 -38.15 -2.50 -19.14
N SER B 145 -39.29 -2.67 -19.82
CA SER B 145 -40.22 -3.75 -19.49
C SER B 145 -40.97 -4.14 -20.76
N SER B 146 -41.16 -5.45 -20.94
CA SER B 146 -41.87 -5.93 -22.12
C SER B 146 -43.37 -5.69 -22.01
N ALA B 147 -43.91 -5.69 -20.79
CA ALA B 147 -45.34 -5.52 -20.57
C ALA B 147 -45.69 -4.03 -20.47
N SER B 148 -46.87 -3.69 -20.95
CA SER B 148 -47.34 -2.31 -20.94
C SER B 148 -48.01 -1.99 -19.60
N THR B 149 -48.67 -0.84 -19.53
CA THR B 149 -49.34 -0.43 -18.30
C THR B 149 -50.63 -1.21 -18.11
N LYS B 150 -50.87 -1.65 -16.88
CA LYS B 150 -52.08 -2.39 -16.55
C LYS B 150 -52.45 -2.14 -15.10
N GLY B 151 -53.70 -2.44 -14.77
CA GLY B 151 -54.22 -2.23 -13.44
C GLY B 151 -53.67 -3.24 -12.44
N PRO B 152 -53.38 -2.77 -11.23
CA PRO B 152 -52.85 -3.68 -10.21
C PRO B 152 -53.93 -4.59 -9.64
N SER B 153 -53.58 -5.85 -9.47
CA SER B 153 -54.43 -6.82 -8.78
C SER B 153 -54.12 -6.73 -7.28
N VAL B 154 -55.15 -6.49 -6.48
CA VAL B 154 -55.01 -6.22 -5.05
C VAL B 154 -55.56 -7.41 -4.29
N PHE B 155 -54.82 -7.88 -3.28
CA PHE B 155 -55.26 -9.01 -2.50
C PHE B 155 -55.07 -8.73 -1.01
N PRO B 156 -56.00 -9.15 -0.17
CA PRO B 156 -55.89 -8.88 1.27
C PRO B 156 -54.89 -9.81 1.95
N LEU B 157 -54.45 -9.37 3.13
CA LEU B 157 -53.52 -10.13 3.97
C LEU B 157 -54.07 -10.02 5.40
N ALA B 158 -54.88 -11.00 5.78
CA ALA B 158 -55.66 -11.06 7.02
C ALA B 158 -54.77 -11.52 8.18
N PRO B 159 -54.98 -11.01 9.39
CA PRO B 159 -54.10 -11.37 10.51
C PRO B 159 -54.32 -12.76 11.08
N SER B 160 -55.41 -13.44 10.70
CA SER B 160 -55.80 -14.77 11.18
C SER B 160 -55.94 -14.77 12.70
N SER B 161 -56.95 -14.02 13.16
CA SER B 161 -57.20 -13.77 14.57
C SER B 161 -57.72 -14.98 15.35
N LYS B 162 -57.92 -16.13 14.70
CA LYS B 162 -58.33 -17.33 15.42
C LYS B 162 -57.21 -17.90 16.27
N SER B 163 -55.95 -17.59 15.96
CA SER B 163 -54.81 -18.05 16.74
C SER B 163 -53.75 -16.96 16.76
N THR B 164 -52.86 -17.06 17.76
CA THR B 164 -51.76 -16.12 18.03
C THR B 164 -52.27 -14.68 18.15
N SER B 165 -53.25 -14.49 19.03
CA SER B 165 -53.85 -13.19 19.29
C SER B 165 -53.64 -12.82 20.76
N GLY B 166 -54.28 -11.72 21.17
CA GLY B 166 -54.16 -11.25 22.54
C GLY B 166 -53.57 -9.86 22.64
N GLY B 167 -52.56 -9.58 21.80
CA GLY B 167 -51.94 -8.28 21.78
C GLY B 167 -52.22 -7.51 20.51
N THR B 168 -51.25 -7.48 19.60
CA THR B 168 -51.40 -6.81 18.31
C THR B 168 -51.03 -7.77 17.20
N ALA B 169 -51.41 -7.40 15.98
CA ALA B 169 -51.11 -8.18 14.79
C ALA B 169 -50.90 -7.22 13.63
N ALA B 170 -50.79 -7.76 12.42
CA ALA B 170 -50.58 -6.95 11.24
C ALA B 170 -51.64 -7.27 10.19
N LEU B 171 -51.96 -6.27 9.38
CA LEU B 171 -53.01 -6.35 8.37
C LEU B 171 -52.52 -5.66 7.11
N GLY B 172 -52.53 -6.36 5.97
CA GLY B 172 -51.81 -5.88 4.81
C GLY B 172 -52.58 -6.00 3.52
N CYS B 173 -52.00 -5.41 2.47
CA CYS B 173 -52.45 -5.53 1.10
C CYS B 173 -51.27 -5.86 0.21
N LEU B 174 -51.41 -6.92 -0.57
CA LEU B 174 -50.41 -7.33 -1.55
C LEU B 174 -50.95 -6.99 -2.93
N VAL B 175 -50.30 -6.04 -3.60
CA VAL B 175 -50.66 -5.66 -4.96
C VAL B 175 -49.60 -6.23 -5.89
N LYS B 176 -50.02 -6.64 -7.08
CA LYS B 176 -49.08 -7.19 -8.04
C LYS B 176 -49.63 -7.01 -9.45
N ASP B 177 -48.75 -7.27 -10.43
CA ASP B 177 -49.04 -7.21 -11.86
C ASP B 177 -49.51 -5.82 -12.28
N TYR B 178 -48.61 -4.85 -12.12
CA TYR B 178 -48.88 -3.47 -12.50
C TYR B 178 -47.63 -2.86 -13.12
N PHE B 179 -47.82 -1.70 -13.74
CA PHE B 179 -46.77 -0.94 -14.40
C PHE B 179 -47.30 0.47 -14.64
N PRO B 180 -46.51 1.53 -14.40
CA PRO B 180 -45.11 1.57 -13.96
C PRO B 180 -44.92 1.46 -12.44
N GLU B 181 -43.77 1.94 -11.99
CA GLU B 181 -43.40 1.81 -10.57
C GLU B 181 -44.25 2.67 -9.62
N PRO B 182 -44.43 4.03 -9.82
CA PRO B 182 -45.08 4.80 -8.74
C PRO B 182 -46.57 4.53 -8.55
N VAL B 183 -46.89 3.84 -7.46
CA VAL B 183 -48.26 3.66 -7.00
C VAL B 183 -48.24 3.86 -5.48
N THR B 184 -49.30 4.44 -4.95
CA THR B 184 -49.37 4.71 -3.51
C THR B 184 -50.51 3.93 -2.89
N VAL B 185 -50.35 3.60 -1.60
CA VAL B 185 -51.34 2.85 -0.85
C VAL B 185 -51.78 3.69 0.34
N SER B 186 -53.08 3.97 0.41
CA SER B 186 -53.66 4.72 1.52
C SER B 186 -54.50 3.78 2.38
N TRP B 187 -54.47 4.02 3.69
CA TRP B 187 -55.19 3.24 4.67
C TRP B 187 -56.22 4.13 5.33
N ASN B 188 -57.51 3.79 5.15
CA ASN B 188 -58.66 4.55 5.65
C ASN B 188 -58.62 6.01 5.18
N SER B 189 -58.41 6.18 3.86
CA SER B 189 -58.25 7.48 3.19
C SER B 189 -57.13 8.31 3.81
N GLY B 190 -56.04 7.65 4.19
CA GLY B 190 -54.89 8.33 4.74
C GLY B 190 -55.00 8.74 6.18
N ALA B 191 -56.03 8.29 6.90
CA ALA B 191 -56.18 8.67 8.29
C ALA B 191 -55.20 7.92 9.18
N LEU B 192 -55.23 6.59 9.12
CA LEU B 192 -54.34 5.75 9.93
C LEU B 192 -52.95 5.80 9.30
N THR B 193 -52.05 6.57 9.90
CA THR B 193 -50.69 6.73 9.40
C THR B 193 -49.64 6.24 10.37
N SER B 194 -50.03 5.66 11.50
CA SER B 194 -49.10 5.15 12.50
C SER B 194 -48.90 3.66 12.28
N GLY B 195 -47.67 3.26 11.97
CA GLY B 195 -47.35 1.88 11.73
C GLY B 195 -47.48 1.44 10.29
N VAL B 196 -47.68 2.37 9.36
CA VAL B 196 -47.84 2.01 7.95
C VAL B 196 -46.46 1.75 7.36
N HIS B 197 -46.27 0.55 6.81
CA HIS B 197 -45.05 0.19 6.12
C HIS B 197 -45.40 -0.15 4.67
N THR B 198 -44.89 0.66 3.74
CA THR B 198 -45.07 0.45 2.31
C THR B 198 -43.72 0.11 1.70
N PHE B 199 -43.62 -1.07 1.11
CA PHE B 199 -42.36 -1.60 0.62
C PHE B 199 -42.10 -1.11 -0.81
N PRO B 200 -40.83 -1.06 -1.21
CA PRO B 200 -40.51 -0.71 -2.60
C PRO B 200 -40.97 -1.79 -3.57
N ALA B 201 -41.20 -1.37 -4.81
CA ALA B 201 -41.71 -2.25 -5.85
C ALA B 201 -40.60 -3.21 -6.27
N VAL B 202 -40.66 -4.43 -5.75
CA VAL B 202 -39.68 -5.45 -6.10
C VAL B 202 -40.01 -6.01 -7.47
N LEU B 203 -38.96 -6.28 -8.26
CA LEU B 203 -39.13 -6.72 -9.65
C LEU B 203 -39.61 -8.16 -9.68
N GLN B 204 -40.85 -8.36 -10.13
CA GLN B 204 -41.37 -9.71 -10.30
C GLN B 204 -40.71 -10.39 -11.50
N SER B 205 -40.51 -11.70 -11.39
CA SER B 205 -39.83 -12.46 -12.43
C SER B 205 -40.65 -12.57 -13.72
N SER B 206 -41.95 -12.29 -13.67
CA SER B 206 -42.79 -12.27 -14.86
C SER B 206 -42.72 -10.95 -15.61
N GLY B 207 -41.86 -10.01 -15.18
CA GLY B 207 -41.70 -8.75 -15.83
C GLY B 207 -42.49 -7.60 -15.23
N LEU B 208 -43.54 -7.90 -14.47
CA LEU B 208 -44.38 -6.88 -13.87
C LEU B 208 -43.81 -6.46 -12.53
N TYR B 209 -44.58 -5.71 -11.75
CA TYR B 209 -44.15 -5.23 -10.44
C TYR B 209 -45.08 -5.78 -9.36
N SER B 210 -44.51 -5.94 -8.16
CA SER B 210 -45.25 -6.37 -6.98
C SER B 210 -44.87 -5.49 -5.80
N LEU B 211 -45.81 -5.32 -4.89
CA LEU B 211 -45.62 -4.43 -3.75
C LEU B 211 -46.49 -4.91 -2.59
N SER B 212 -46.01 -4.64 -1.38
CA SER B 212 -46.73 -4.96 -0.16
C SER B 212 -46.88 -3.72 0.68
N SER B 213 -48.02 -3.58 1.35
CA SER B 213 -48.22 -2.55 2.37
C SER B 213 -48.87 -3.21 3.57
N VAL B 214 -48.55 -2.70 4.76
CA VAL B 214 -49.05 -3.34 5.97
C VAL B 214 -49.20 -2.29 7.07
N VAL B 215 -50.15 -2.53 7.98
CA VAL B 215 -50.36 -1.71 9.17
C VAL B 215 -50.37 -2.62 10.38
N THR B 216 -50.10 -2.02 11.54
CA THR B 216 -50.12 -2.72 12.82
C THR B 216 -51.44 -2.40 13.52
N VAL B 217 -52.21 -3.44 13.83
CA VAL B 217 -53.56 -3.30 14.36
C VAL B 217 -53.62 -4.01 15.71
N PRO B 218 -54.02 -3.33 16.78
CA PRO B 218 -54.29 -4.04 18.04
C PRO B 218 -55.54 -4.90 17.93
N SER B 219 -55.53 -6.01 18.67
CA SER B 219 -56.61 -6.99 18.56
C SER B 219 -57.92 -6.49 19.14
N SER B 220 -57.88 -5.51 20.06
CA SER B 220 -59.12 -4.96 20.60
C SER B 220 -59.82 -4.06 19.58
N SER B 221 -59.06 -3.39 18.72
CA SER B 221 -59.62 -2.51 17.70
C SER B 221 -59.83 -3.21 16.37
N LEU B 222 -59.52 -4.50 16.28
CA LEU B 222 -59.69 -5.23 15.03
C LEU B 222 -61.16 -5.54 14.77
N GLY B 223 -61.90 -5.95 15.79
CA GLY B 223 -63.29 -6.31 15.63
C GLY B 223 -64.26 -5.16 15.54
N THR B 224 -63.81 -3.93 15.85
CA THR B 224 -64.66 -2.76 15.82
C THR B 224 -64.37 -1.86 14.64
N GLN B 225 -63.11 -1.48 14.44
CA GLN B 225 -62.74 -0.60 13.34
C GLN B 225 -62.65 -1.41 12.04
N THR B 226 -63.50 -1.08 11.08
CA THR B 226 -63.46 -1.72 9.77
C THR B 226 -62.36 -1.09 8.93
N TYR B 227 -61.45 -1.92 8.42
CA TYR B 227 -60.28 -1.44 7.71
C TYR B 227 -60.46 -1.57 6.21
N ILE B 228 -60.26 -0.46 5.50
CA ILE B 228 -60.25 -0.45 4.05
C ILE B 228 -58.81 -0.22 3.60
N CYS B 229 -58.59 -0.33 2.30
CA CYS B 229 -57.23 -0.30 1.75
C CYS B 229 -57.35 0.16 0.30
N ASN B 230 -56.94 1.40 0.03
CA ASN B 230 -57.11 1.99 -1.29
C ASN B 230 -55.74 2.15 -1.95
N VAL B 231 -55.73 2.05 -3.28
CA VAL B 231 -54.53 2.30 -4.05
C VAL B 231 -54.78 3.49 -4.97
N ASN B 232 -53.70 4.20 -5.30
CA ASN B 232 -53.75 5.36 -6.17
C ASN B 232 -52.61 5.22 -7.18
N HIS B 233 -52.97 5.03 -8.44
CA HIS B 233 -52.03 4.83 -9.54
C HIS B 233 -52.25 5.97 -10.53
N LYS B 234 -51.19 6.72 -10.81
CA LYS B 234 -51.34 7.96 -11.59
C LYS B 234 -51.47 7.75 -13.09
N PRO B 235 -50.64 6.89 -13.81
CA PRO B 235 -50.90 6.71 -15.24
C PRO B 235 -52.19 5.94 -15.53
N SER B 236 -52.35 4.78 -14.91
CA SER B 236 -53.55 3.96 -15.11
C SER B 236 -54.65 4.44 -14.17
N ASN B 237 -55.73 4.96 -14.75
CA ASN B 237 -56.82 5.58 -13.98
C ASN B 237 -57.62 4.47 -13.30
N THR B 238 -57.12 4.06 -12.13
CA THR B 238 -57.82 3.08 -11.30
C THR B 238 -57.62 3.44 -9.83
N LYS B 239 -58.67 3.21 -9.03
CA LYS B 239 -58.62 3.44 -7.58
C LYS B 239 -59.33 2.24 -6.93
N VAL B 240 -58.56 1.20 -6.64
CA VAL B 240 -59.11 -0.03 -6.07
C VAL B 240 -59.05 0.10 -4.55
N ASP B 241 -60.22 0.18 -3.92
CA ASP B 241 -60.35 0.30 -2.47
C ASP B 241 -61.05 -0.96 -1.98
N LYS B 242 -60.28 -1.90 -1.43
CA LYS B 242 -60.81 -3.16 -0.95
C LYS B 242 -60.85 -3.18 0.57
N LYS B 243 -61.90 -3.79 1.12
CA LYS B 243 -62.00 -3.99 2.56
C LYS B 243 -61.18 -5.19 2.97
N VAL B 244 -60.40 -5.07 4.04
CA VAL B 244 -59.59 -6.15 4.55
C VAL B 244 -60.18 -6.61 5.88
N GLU B 245 -60.31 -7.94 6.03
CA GLU B 245 -60.95 -8.52 7.20
C GLU B 245 -60.41 -9.93 7.39
N PRO B 246 -60.41 -10.45 8.62
CA PRO B 246 -60.02 -11.85 8.82
C PRO B 246 -61.11 -12.80 8.35
N LYS B 247 -60.73 -14.06 8.19
CA LYS B 247 -61.65 -15.10 7.73
C LYS B 247 -62.59 -15.52 8.85
N GLN C 25 -18.21 -28.07 13.81
CA GLN C 25 -17.34 -28.74 14.78
C GLN C 25 -16.71 -27.72 15.73
N VAL C 26 -17.19 -26.49 15.67
CA VAL C 26 -16.63 -25.43 16.51
C VAL C 26 -17.15 -25.57 17.94
N GLN C 27 -16.41 -24.97 18.88
CA GLN C 27 -16.83 -25.02 20.28
C GLN C 27 -16.45 -23.70 20.96
N LEU C 28 -17.17 -23.42 22.04
CA LEU C 28 -17.05 -22.18 22.79
C LEU C 28 -16.63 -22.47 24.23
N GLN C 29 -15.94 -21.49 24.82
CA GLN C 29 -15.55 -21.52 26.22
C GLN C 29 -15.90 -20.19 26.85
N GLU C 30 -16.32 -20.22 28.12
CA GLU C 30 -16.69 -19.00 28.82
C GLU C 30 -16.40 -19.17 30.30
N SER C 31 -16.41 -18.04 31.02
CA SER C 31 -16.15 -18.01 32.46
C SER C 31 -16.83 -16.77 33.03
N GLY C 32 -16.48 -16.44 34.27
CA GLY C 32 -17.00 -15.26 34.92
C GLY C 32 -18.17 -15.55 35.83
N GLY C 33 -18.92 -14.49 36.12
CA GLY C 33 -20.11 -14.62 36.94
C GLY C 33 -19.85 -14.32 38.41
N GLY C 34 -20.87 -14.65 39.21
CA GLY C 34 -20.78 -14.45 40.65
C GLY C 34 -21.90 -13.57 41.18
N LEU C 35 -22.21 -13.72 42.46
CA LEU C 35 -23.23 -12.89 43.11
C LEU C 35 -22.70 -11.48 43.28
N VAL C 36 -23.18 -10.55 42.45
CA VAL C 36 -22.69 -9.19 42.43
C VAL C 36 -23.74 -8.27 43.06
N GLN C 37 -23.34 -7.02 43.28
CA GLN C 37 -24.18 -6.01 43.91
C GLN C 37 -24.66 -5.00 42.86
N PRO C 38 -25.85 -4.39 43.06
CA PRO C 38 -26.28 -3.32 42.15
C PRO C 38 -25.46 -2.06 42.34
N GLY C 39 -24.57 -1.79 41.39
CA GLY C 39 -23.63 -0.69 41.52
C GLY C 39 -22.19 -1.15 41.40
N GLY C 40 -22.01 -2.43 41.11
CA GLY C 40 -20.70 -3.03 40.96
C GLY C 40 -20.31 -3.22 39.51
N SER C 41 -19.44 -4.20 39.27
CA SER C 41 -18.95 -4.47 37.93
C SER C 41 -18.65 -5.95 37.79
N LEU C 42 -18.65 -6.42 36.54
CA LEU C 42 -18.38 -7.82 36.23
C LEU C 42 -17.85 -7.89 34.81
N ARG C 43 -17.04 -8.91 34.53
CA ARG C 43 -16.46 -9.09 33.21
C ARG C 43 -16.76 -10.51 32.71
N LEU C 44 -17.68 -10.62 31.75
CA LEU C 44 -17.94 -11.88 31.07
C LEU C 44 -17.00 -12.01 29.88
N SER C 45 -16.70 -13.26 29.51
CA SER C 45 -15.76 -13.52 28.43
C SER C 45 -16.23 -14.74 27.64
N CYS C 46 -15.90 -14.75 26.35
CA CYS C 46 -16.18 -15.91 25.50
C CYS C 46 -15.05 -16.07 24.50
N ALA C 47 -14.44 -17.24 24.49
CA ALA C 47 -13.45 -17.63 23.49
C ALA C 47 -14.02 -18.76 22.65
N ALA C 48 -13.42 -18.96 21.48
CA ALA C 48 -13.88 -19.99 20.56
C ALA C 48 -12.70 -20.75 20.00
N SER C 49 -12.97 -21.97 19.54
CA SER C 49 -11.94 -22.77 18.89
C SER C 49 -12.61 -23.71 17.88
N GLY C 50 -11.89 -23.96 16.78
CA GLY C 50 -12.37 -24.78 15.68
C GLY C 50 -12.36 -24.07 14.35
N ARG C 51 -12.50 -22.74 14.36
CA ARG C 51 -12.53 -21.94 13.15
C ARG C 51 -12.18 -20.51 13.53
N THR C 52 -11.54 -19.80 12.60
CA THR C 52 -11.17 -18.40 12.83
C THR C 52 -12.41 -17.52 12.98
N ILE C 53 -12.23 -16.40 13.69
CA ILE C 53 -13.35 -15.59 14.13
C ILE C 53 -13.46 -14.27 13.34
N SER C 54 -12.35 -13.75 12.82
CA SER C 54 -12.30 -12.42 12.20
C SER C 54 -13.12 -12.29 10.92
N ARG C 55 -13.62 -13.39 10.36
CA ARG C 55 -14.53 -13.34 9.22
C ARG C 55 -15.94 -13.75 9.60
N TYR C 56 -16.22 -13.93 10.89
CA TYR C 56 -17.54 -14.28 11.39
C TYR C 56 -18.01 -13.25 12.42
N ALA C 57 -19.18 -13.51 12.98
CA ALA C 57 -19.78 -12.67 14.01
C ALA C 57 -20.01 -13.51 15.26
N MET C 58 -20.16 -12.84 16.40
CA MET C 58 -20.47 -13.52 17.64
C MET C 58 -21.60 -12.79 18.36
N SER C 59 -22.20 -13.44 19.34
CA SER C 59 -23.36 -12.86 19.99
C SER C 59 -23.46 -13.34 21.43
N TRP C 60 -24.19 -12.56 22.23
CA TRP C 60 -24.47 -12.85 23.63
C TRP C 60 -25.97 -12.93 23.81
N PHE C 61 -26.45 -14.05 24.35
CA PHE C 61 -27.86 -14.31 24.62
C PHE C 61 -28.09 -14.43 26.12
N ARG C 62 -29.36 -14.55 26.50
CA ARG C 62 -29.76 -14.54 27.91
C ARG C 62 -30.87 -15.56 28.12
N GLN C 63 -30.83 -16.24 29.26
CA GLN C 63 -31.92 -17.12 29.68
C GLN C 63 -32.19 -16.90 31.16
N ALA C 64 -33.42 -16.58 31.50
CA ALA C 64 -33.82 -16.32 32.88
C ALA C 64 -34.53 -17.53 33.47
N PRO C 65 -34.55 -17.67 34.80
CA PRO C 65 -35.40 -18.71 35.41
C PRO C 65 -36.88 -18.37 35.28
N GLY C 66 -37.57 -19.07 34.39
CA GLY C 66 -38.97 -18.79 34.14
C GLY C 66 -39.24 -18.46 32.68
N LYS C 67 -38.32 -17.73 32.05
CA LYS C 67 -38.39 -17.37 30.65
C LYS C 67 -37.33 -18.16 29.88
N GLU C 68 -37.20 -17.85 28.59
CA GLU C 68 -36.21 -18.51 27.75
C GLU C 68 -35.89 -17.65 26.54
N ARG C 69 -34.67 -17.80 26.04
CA ARG C 69 -34.23 -17.35 24.71
C ARG C 69 -34.34 -15.84 24.54
N GLU C 70 -33.56 -15.12 25.35
CA GLU C 70 -33.49 -13.67 25.29
C GLU C 70 -32.18 -13.23 24.63
N PHE C 71 -32.04 -11.92 24.45
CA PHE C 71 -30.94 -11.35 23.69
C PHE C 71 -30.19 -10.32 24.54
N VAL C 72 -28.87 -10.29 24.39
CA VAL C 72 -28.05 -9.29 25.06
C VAL C 72 -27.35 -8.40 24.04
N ALA C 73 -26.48 -8.99 23.20
CA ALA C 73 -25.65 -8.17 22.33
C ALA C 73 -25.16 -8.98 21.14
N VAL C 74 -24.51 -8.30 20.22
CA VAL C 74 -23.94 -8.95 19.03
C VAL C 74 -22.73 -8.11 18.57
N ALA C 75 -21.70 -8.80 18.05
CA ALA C 75 -20.50 -8.19 17.52
C ALA C 75 -20.29 -8.70 16.11
N ARG C 76 -20.27 -7.77 15.14
CA ARG C 76 -20.40 -8.13 13.72
C ARG C 76 -19.07 -8.54 13.10
N ARG C 77 -18.14 -7.60 12.99
CA ARG C 77 -16.92 -7.79 12.21
C ARG C 77 -15.77 -7.19 12.99
N SER C 78 -14.63 -7.03 12.31
CA SER C 78 -13.43 -6.49 12.93
C SER C 78 -13.35 -4.97 12.88
N GLY C 79 -13.83 -4.36 11.80
CA GLY C 79 -13.78 -2.93 11.63
C GLY C 79 -15.04 -2.18 12.02
N ASP C 80 -15.97 -2.84 12.70
CA ASP C 80 -17.23 -2.23 13.11
C ASP C 80 -17.36 -2.29 14.63
N GLY C 81 -18.53 -1.88 15.12
CA GLY C 81 -18.84 -1.87 16.53
C GLY C 81 -19.90 -2.89 16.90
N ALA C 82 -20.19 -2.93 18.20
CA ALA C 82 -21.18 -3.86 18.72
C ALA C 82 -22.58 -3.25 18.64
N PHE C 83 -23.58 -4.12 18.80
CA PHE C 83 -24.97 -3.72 18.75
C PHE C 83 -25.71 -4.39 19.90
N TYR C 84 -26.48 -3.59 20.64
CA TYR C 84 -26.99 -3.99 21.94
C TYR C 84 -28.49 -4.33 21.85
N ALA C 85 -29.09 -4.60 22.99
CA ALA C 85 -30.51 -4.88 23.09
C ALA C 85 -31.25 -3.64 23.59
N ASP C 86 -32.56 -3.78 23.74
CA ASP C 86 -33.42 -2.63 24.03
C ASP C 86 -33.25 -2.12 25.45
N SER C 87 -32.86 -2.98 26.38
CA SER C 87 -32.78 -2.62 27.79
C SER C 87 -31.37 -2.55 28.33
N VAL C 88 -30.35 -2.80 27.50
CA VAL C 88 -28.97 -2.80 27.96
C VAL C 88 -28.14 -1.72 27.27
N GLN C 89 -28.79 -0.79 26.57
CA GLN C 89 -28.07 0.25 25.87
C GLN C 89 -27.54 1.30 26.85
N GLY C 90 -26.26 1.62 26.74
CA GLY C 90 -25.61 2.54 27.65
C GLY C 90 -25.15 1.93 28.96
N ARG C 91 -25.38 0.64 29.17
CA ARG C 91 -25.02 -0.04 30.41
C ARG C 91 -23.95 -1.10 30.22
N PHE C 92 -24.04 -1.90 29.15
CA PHE C 92 -23.03 -2.90 28.86
C PHE C 92 -21.97 -2.33 27.91
N THR C 93 -20.89 -3.10 27.74
CA THR C 93 -19.82 -2.73 26.83
C THR C 93 -19.24 -4.01 26.25
N VAL C 94 -19.27 -4.13 24.92
CA VAL C 94 -18.80 -5.33 24.23
C VAL C 94 -17.60 -4.94 23.37
N SER C 95 -16.46 -5.54 23.65
CA SER C 95 -15.25 -5.40 22.84
C SER C 95 -15.02 -6.68 22.05
N ARG C 96 -13.92 -6.71 21.30
CA ARG C 96 -13.57 -7.89 20.51
C ARG C 96 -12.07 -7.89 20.28
N ASP C 97 -11.40 -8.97 20.69
CA ASP C 97 -9.97 -9.14 20.50
C ASP C 97 -9.78 -10.29 19.50
N ASP C 98 -9.46 -9.95 18.26
CA ASP C 98 -9.32 -10.96 17.21
C ASP C 98 -8.00 -11.71 17.27
N ALA C 99 -7.03 -11.23 18.04
CA ALA C 99 -5.75 -11.93 18.15
C ALA C 99 -5.88 -13.19 18.99
N LYS C 100 -6.54 -13.09 20.14
CA LYS C 100 -6.77 -14.22 21.02
C LYS C 100 -8.14 -14.86 20.83
N ASN C 101 -8.95 -14.33 19.91
CA ASN C 101 -10.30 -14.80 19.60
C ASN C 101 -11.20 -14.80 20.85
N THR C 102 -11.25 -13.65 21.52
CA THR C 102 -11.99 -13.51 22.77
C THR C 102 -12.86 -12.25 22.71
N VAL C 103 -14.15 -12.42 22.98
CA VAL C 103 -15.10 -11.32 23.05
C VAL C 103 -15.51 -11.13 24.50
N TYR C 104 -15.38 -9.89 24.98
CA TYR C 104 -15.65 -9.54 26.37
C TYR C 104 -17.04 -8.94 26.53
N LEU C 105 -17.42 -8.72 27.78
CA LEU C 105 -18.69 -8.11 28.14
C LEU C 105 -18.52 -7.42 29.48
N GLN C 106 -18.51 -6.09 29.47
CA GLN C 106 -18.25 -5.31 30.68
C GLN C 106 -19.59 -4.95 31.31
N MET C 107 -20.05 -5.81 32.22
CA MET C 107 -21.24 -5.52 33.01
C MET C 107 -20.95 -4.39 33.99
N ASN C 108 -21.69 -3.29 33.86
CA ASN C 108 -21.49 -2.11 34.70
C ASN C 108 -22.82 -1.81 35.40
N SER C 109 -22.89 -2.18 36.68
CA SER C 109 -24.02 -1.90 37.58
C SER C 109 -25.33 -2.49 37.04
N LEU C 110 -25.35 -3.82 36.99
CA LEU C 110 -26.55 -4.51 36.52
C LEU C 110 -27.65 -4.46 37.58
N LYS C 111 -28.87 -4.20 37.12
CA LYS C 111 -30.01 -4.14 38.02
C LYS C 111 -30.36 -5.54 38.53
N PRO C 112 -31.00 -5.64 39.71
CA PRO C 112 -31.35 -6.98 40.24
C PRO C 112 -32.51 -7.67 39.52
N GLU C 113 -33.10 -7.06 38.50
CA GLU C 113 -34.12 -7.70 37.67
C GLU C 113 -33.53 -8.46 36.49
N ASP C 114 -32.21 -8.65 36.46
CA ASP C 114 -31.53 -9.33 35.38
C ASP C 114 -30.69 -10.50 35.90
N THR C 115 -31.19 -11.18 36.93
CA THR C 115 -30.52 -12.35 37.49
C THR C 115 -30.76 -13.52 36.54
N ALA C 116 -29.89 -13.65 35.55
CA ALA C 116 -30.09 -14.63 34.49
C ALA C 116 -28.74 -15.17 34.04
N VAL C 117 -28.80 -16.25 33.26
CA VAL C 117 -27.61 -16.95 32.77
C VAL C 117 -27.33 -16.48 31.36
N TYR C 118 -26.10 -16.02 31.11
CA TYR C 118 -25.73 -15.54 29.79
C TYR C 118 -25.11 -16.66 28.96
N TYR C 119 -25.47 -16.70 27.68
CA TYR C 119 -24.96 -17.67 26.73
C TYR C 119 -24.14 -16.97 25.66
N CYS C 120 -23.18 -17.70 25.09
CA CYS C 120 -22.38 -17.23 23.98
C CYS C 120 -22.84 -17.93 22.71
N ALA C 121 -22.70 -17.27 21.57
CA ALA C 121 -23.21 -17.81 20.32
C ALA C 121 -22.26 -17.47 19.17
N ILE C 122 -21.96 -18.47 18.36
CA ILE C 122 -21.11 -18.33 17.18
C ILE C 122 -22.01 -18.30 15.95
N ASP C 123 -21.57 -17.61 14.91
CA ASP C 123 -22.32 -17.48 13.67
C ASP C 123 -21.67 -18.33 12.59
N SER C 124 -22.50 -18.80 11.64
CA SER C 124 -22.04 -19.62 10.53
C SER C 124 -22.34 -18.97 9.19
N ASP C 125 -22.37 -17.63 9.16
CA ASP C 125 -22.63 -16.90 7.93
C ASP C 125 -21.73 -15.67 7.90
N THR C 126 -21.07 -15.46 6.76
CA THR C 126 -20.22 -14.28 6.60
C THR C 126 -21.00 -13.01 6.33
N PHE C 127 -22.29 -13.12 5.99
CA PHE C 127 -23.16 -11.96 5.84
C PHE C 127 -23.88 -11.61 7.13
N TYR C 128 -23.53 -12.27 8.24
CA TYR C 128 -24.08 -12.10 9.59
C TYR C 128 -25.61 -12.07 9.62
N SER C 129 -26.23 -12.94 8.82
CA SER C 129 -27.68 -13.02 8.76
C SER C 129 -28.29 -13.75 9.94
N GLY C 130 -27.51 -14.54 10.67
CA GLY C 130 -28.02 -15.22 11.84
C GLY C 130 -28.00 -16.73 11.77
N SER C 131 -27.03 -17.30 11.05
CA SER C 131 -26.88 -18.75 10.95
C SER C 131 -26.24 -19.24 12.24
N TYR C 132 -27.08 -19.49 13.25
CA TYR C 132 -26.63 -19.87 14.58
C TYR C 132 -26.87 -21.36 14.78
N ASP C 133 -25.80 -22.11 15.06
CA ASP C 133 -25.89 -23.55 15.24
C ASP C 133 -25.31 -24.02 16.57
N TYR C 134 -24.21 -23.42 17.03
CA TYR C 134 -23.53 -23.87 18.23
C TYR C 134 -23.53 -22.75 19.27
N TRP C 135 -23.89 -23.09 20.51
CA TRP C 135 -23.87 -22.16 21.63
C TRP C 135 -22.89 -22.65 22.68
N GLY C 136 -22.83 -21.92 23.79
CA GLY C 136 -21.99 -22.29 24.92
C GLY C 136 -22.75 -23.09 25.95
N GLN C 137 -22.19 -23.14 27.16
CA GLN C 137 -22.78 -23.88 28.26
C GLN C 137 -23.60 -22.98 29.18
N GLY C 138 -22.99 -21.96 29.73
CA GLY C 138 -23.70 -21.02 30.59
C GLY C 138 -22.80 -20.48 31.68
N THR C 139 -23.25 -19.37 32.28
CA THR C 139 -22.54 -18.73 33.39
C THR C 139 -23.58 -18.15 34.34
N GLN C 140 -23.52 -18.57 35.60
CA GLN C 140 -24.50 -18.13 36.59
C GLN C 140 -24.20 -16.69 37.02
N VAL C 141 -25.13 -15.78 36.74
CA VAL C 141 -25.01 -14.39 37.11
C VAL C 141 -26.23 -14.00 37.93
N THR C 142 -26.02 -13.48 39.14
CA THR C 142 -27.10 -13.06 40.01
C THR C 142 -26.70 -11.77 40.71
N VAL C 143 -27.59 -10.78 40.69
CA VAL C 143 -27.34 -9.48 41.31
C VAL C 143 -28.03 -9.46 42.67
N SER C 144 -27.24 -9.21 43.72
CA SER C 144 -27.67 -9.13 45.12
C SER C 144 -28.45 -10.35 45.60
N ASP D 21 -13.26 -0.45 -16.60
CA ASP D 21 -11.88 -0.88 -16.70
C ASP D 21 -11.37 -1.35 -15.33
N ILE D 22 -10.83 -0.40 -14.57
CA ILE D 22 -10.26 -0.72 -13.26
C ILE D 22 -11.37 -0.80 -12.23
N GLN D 23 -11.05 -1.33 -11.05
CA GLN D 23 -11.98 -1.45 -9.95
C GLN D 23 -11.68 -0.41 -8.88
N MET D 24 -12.66 -0.21 -7.99
CA MET D 24 -12.52 0.73 -6.88
C MET D 24 -13.34 0.15 -5.73
N THR D 25 -12.68 -0.63 -4.88
CA THR D 25 -13.39 -1.34 -3.82
C THR D 25 -13.64 -0.40 -2.64
N GLN D 26 -14.74 -0.66 -1.93
CA GLN D 26 -15.14 0.19 -0.81
C GLN D 26 -15.64 -0.74 0.29
N SER D 27 -14.81 -0.90 1.33
CA SER D 27 -15.03 -2.02 2.26
C SER D 27 -16.20 -1.82 3.23
N PRO D 28 -16.32 -0.70 4.01
CA PRO D 28 -17.39 -0.74 5.03
C PRO D 28 -18.77 -0.44 4.47
N SER D 29 -19.31 -1.40 3.70
CA SER D 29 -20.53 -1.22 2.92
C SER D 29 -21.80 -1.14 3.77
N SER D 30 -21.72 -1.41 5.08
CA SER D 30 -22.87 -1.29 5.96
C SER D 30 -22.35 -0.78 7.31
N LEU D 31 -22.40 0.53 7.50
CA LEU D 31 -21.99 1.15 8.75
C LEU D 31 -23.21 1.61 9.54
N SER D 32 -22.96 1.98 10.80
CA SER D 32 -24.01 2.40 11.69
C SER D 32 -23.40 3.22 12.81
N ALA D 33 -24.01 4.38 13.09
CA ALA D 33 -23.53 5.24 14.17
C ALA D 33 -24.68 6.11 14.66
N SER D 34 -24.54 6.60 15.88
CA SER D 34 -25.54 7.47 16.48
C SER D 34 -25.22 8.93 16.11
N VAL D 35 -25.93 9.86 16.73
CA VAL D 35 -25.73 11.28 16.46
C VAL D 35 -24.46 11.73 17.17
N GLY D 36 -23.43 12.08 16.40
CA GLY D 36 -22.19 12.56 16.97
C GLY D 36 -21.16 11.47 17.18
N ASP D 37 -20.91 10.68 16.15
CA ASP D 37 -19.92 9.62 16.20
C ASP D 37 -19.00 9.73 14.99
N ARG D 38 -17.71 9.52 15.21
CA ARG D 38 -16.72 9.59 14.14
C ARG D 38 -16.71 8.28 13.35
N VAL D 39 -16.99 8.36 12.05
CA VAL D 39 -16.96 7.19 11.19
C VAL D 39 -15.89 7.38 10.12
N THR D 40 -15.28 6.27 9.72
CA THR D 40 -14.24 6.25 8.71
C THR D 40 -14.63 5.28 7.62
N ILE D 41 -14.84 5.78 6.42
CA ILE D 41 -15.15 4.97 5.25
C ILE D 41 -13.90 4.87 4.39
N THR D 42 -13.36 3.66 4.25
CA THR D 42 -12.16 3.46 3.47
C THR D 42 -12.50 3.00 2.06
N CYS D 43 -11.53 3.16 1.16
CA CYS D 43 -11.75 2.86 -0.25
C CYS D 43 -10.39 2.54 -0.88
N ARG D 44 -10.28 1.36 -1.47
CA ARG D 44 -9.02 0.87 -2.01
C ARG D 44 -9.07 0.87 -3.53
N ALA D 45 -8.03 1.41 -4.16
CA ALA D 45 -7.92 1.42 -5.60
C ALA D 45 -7.20 0.16 -6.09
N SER D 46 -7.17 0.00 -7.41
CA SER D 46 -6.42 -1.07 -8.04
C SER D 46 -5.09 -0.59 -8.61
N GLN D 47 -5.10 0.51 -9.34
CA GLN D 47 -3.88 1.12 -9.85
C GLN D 47 -3.37 2.16 -8.85
N SER D 48 -2.18 2.68 -9.13
CA SER D 48 -1.55 3.68 -8.28
C SER D 48 -2.09 5.07 -8.63
N VAL D 49 -3.35 5.27 -8.26
CA VAL D 49 -4.06 6.50 -8.60
C VAL D 49 -3.56 7.64 -7.73
N SER D 50 -3.31 8.79 -8.35
CA SER D 50 -2.86 9.98 -7.62
C SER D 50 -4.01 10.55 -6.77
N SER D 51 -3.69 11.59 -6.01
CA SER D 51 -4.62 12.13 -5.02
C SER D 51 -5.76 12.90 -5.66
N ALA D 52 -6.61 12.21 -6.42
CA ALA D 52 -7.81 12.79 -7.03
C ALA D 52 -8.92 11.75 -6.92
N VAL D 53 -9.65 11.78 -5.81
CA VAL D 53 -10.78 10.90 -5.59
C VAL D 53 -11.95 11.78 -5.17
N ALA D 54 -13.15 11.23 -5.26
CA ALA D 54 -14.37 11.97 -5.01
C ALA D 54 -15.26 11.16 -4.07
N TRP D 55 -15.64 11.79 -2.97
CA TRP D 55 -16.59 11.23 -2.02
C TRP D 55 -17.91 11.96 -2.18
N TYR D 56 -18.97 11.20 -2.41
CA TYR D 56 -20.29 11.72 -2.75
C TYR D 56 -21.31 11.31 -1.70
N GLN D 57 -22.29 12.17 -1.46
CA GLN D 57 -23.37 11.93 -0.52
C GLN D 57 -24.69 11.96 -1.29
N GLN D 58 -25.27 10.79 -1.53
CA GLN D 58 -26.54 10.68 -2.22
C GLN D 58 -27.62 10.24 -1.23
N LYS D 59 -28.64 11.07 -1.09
CA LYS D 59 -29.82 10.68 -0.32
C LYS D 59 -30.59 9.60 -1.07
N PRO D 60 -31.34 8.75 -0.35
CA PRO D 60 -32.15 7.73 -1.04
C PRO D 60 -33.29 8.33 -1.86
N GLY D 61 -33.16 8.29 -3.18
CA GLY D 61 -34.11 8.86 -4.09
C GLY D 61 -33.68 10.16 -4.73
N LYS D 62 -32.90 10.97 -4.02
CA LYS D 62 -32.48 12.27 -4.50
C LYS D 62 -31.19 12.14 -5.33
N ALA D 63 -30.58 13.28 -5.64
CA ALA D 63 -29.40 13.48 -6.46
C ALA D 63 -28.13 13.44 -5.61
N PRO D 64 -27.02 12.97 -6.18
CA PRO D 64 -25.74 13.02 -5.44
C PRO D 64 -25.23 14.44 -5.32
N LYS D 65 -24.32 14.62 -4.35
CA LYS D 65 -23.68 15.90 -4.12
C LYS D 65 -22.19 15.67 -3.87
N LEU D 66 -21.37 16.56 -4.41
CA LEU D 66 -19.93 16.52 -4.15
C LEU D 66 -19.66 16.89 -2.70
N LEU D 67 -19.16 15.93 -1.92
CA LEU D 67 -18.81 16.14 -0.53
C LEU D 67 -17.32 16.39 -0.35
N ILE D 68 -16.48 15.49 -0.87
CA ILE D 68 -15.02 15.64 -0.78
C ILE D 68 -14.44 15.48 -2.17
N TYR D 69 -13.61 16.43 -2.60
CA TYR D 69 -12.87 16.30 -3.85
C TYR D 69 -11.37 16.40 -3.59
N SER D 70 -10.61 15.70 -4.42
CA SER D 70 -9.14 15.64 -4.40
C SER D 70 -8.60 15.07 -3.09
N ALA D 71 -9.40 14.25 -2.41
CA ALA D 71 -9.06 13.38 -1.28
C ALA D 71 -8.69 14.11 0.01
N SER D 72 -8.56 15.44 -0.03
CA SER D 72 -8.23 16.21 1.16
C SER D 72 -9.02 17.49 1.31
N SER D 73 -9.57 18.05 0.24
CA SER D 73 -10.14 19.38 0.26
C SER D 73 -11.60 19.35 0.72
N LEU D 74 -12.04 20.49 1.24
CA LEU D 74 -13.43 20.67 1.66
C LEU D 74 -14.14 21.54 0.64
N TYR D 75 -15.27 21.04 0.15
CA TYR D 75 -16.02 21.73 -0.89
C TYR D 75 -16.78 22.92 -0.32
N SER D 76 -16.89 23.97 -1.13
CA SER D 76 -17.64 25.17 -0.73
C SER D 76 -19.13 24.85 -0.84
N GLY D 77 -19.75 24.56 0.29
CA GLY D 77 -21.16 24.21 0.31
C GLY D 77 -21.48 23.09 1.28
N VAL D 78 -20.53 22.19 1.50
CA VAL D 78 -20.69 21.12 2.48
C VAL D 78 -20.13 21.62 3.80
N PRO D 79 -20.64 21.18 4.95
CA PRO D 79 -20.17 21.70 6.23
C PRO D 79 -18.76 21.21 6.57
N SER D 80 -18.22 21.78 7.64
CA SER D 80 -16.84 21.56 8.05
C SER D 80 -16.63 20.26 8.84
N ARG D 81 -17.69 19.45 9.00
CA ARG D 81 -17.58 18.18 9.69
C ARG D 81 -17.18 17.04 8.76
N PHE D 82 -16.64 17.35 7.58
CA PHE D 82 -16.25 16.35 6.60
C PHE D 82 -14.80 16.58 6.20
N SER D 83 -14.07 15.49 5.99
CA SER D 83 -12.67 15.56 5.59
C SER D 83 -12.32 14.24 4.91
N GLY D 84 -11.03 14.02 4.71
CA GLY D 84 -10.56 12.81 4.08
C GLY D 84 -9.05 12.75 4.15
N SER D 85 -8.51 11.59 3.76
CA SER D 85 -7.08 11.38 3.81
C SER D 85 -6.68 10.35 2.76
N ARG D 86 -5.41 10.40 2.38
CA ARG D 86 -4.84 9.49 1.39
C ARG D 86 -3.69 8.73 2.04
N SER D 87 -3.66 7.41 1.82
CA SER D 87 -2.56 6.56 2.25
C SER D 87 -2.29 5.60 1.09
N GLY D 88 -1.38 5.99 0.21
CA GLY D 88 -1.10 5.22 -0.98
C GLY D 88 -2.27 5.23 -1.94
N THR D 89 -2.96 4.08 -2.05
CA THR D 89 -4.18 3.98 -2.83
C THR D 89 -5.40 3.77 -1.94
N ASP D 90 -5.28 4.09 -0.65
CA ASP D 90 -6.37 3.94 0.30
C ASP D 90 -6.87 5.32 0.69
N PHE D 91 -8.08 5.65 0.23
CA PHE D 91 -8.69 6.93 0.54
C PHE D 91 -9.69 6.76 1.69
N THR D 92 -9.82 7.79 2.52
CA THR D 92 -10.59 7.68 3.75
C THR D 92 -11.46 8.91 3.95
N LEU D 93 -12.76 8.69 4.07
CA LEU D 93 -13.70 9.72 4.51
C LEU D 93 -13.83 9.64 6.03
N THR D 94 -13.72 10.78 6.70
CA THR D 94 -13.86 10.85 8.14
C THR D 94 -14.97 11.83 8.50
N ILE D 95 -15.90 11.39 9.33
CA ILE D 95 -16.95 12.26 9.88
C ILE D 95 -16.78 12.30 11.40
N SER D 96 -16.51 13.49 11.93
CA SER D 96 -16.27 13.63 13.36
C SER D 96 -17.58 13.64 14.14
N SER D 97 -18.43 14.63 13.89
CA SER D 97 -19.72 14.77 14.57
C SER D 97 -20.82 14.46 13.55
N LEU D 98 -21.41 13.27 13.67
CA LEU D 98 -22.38 12.81 12.69
C LEU D 98 -23.71 13.51 12.92
N GLN D 99 -24.04 14.43 12.03
CA GLN D 99 -25.33 15.10 12.05
C GLN D 99 -26.42 14.09 11.66
N PRO D 100 -27.64 14.23 12.20
CA PRO D 100 -28.75 13.40 11.71
C PRO D 100 -29.18 13.71 10.28
N GLU D 101 -28.74 14.82 9.70
CA GLU D 101 -28.93 15.06 8.27
C GLU D 101 -28.05 14.14 7.43
N ASP D 102 -26.95 13.65 7.99
CA ASP D 102 -25.90 12.97 7.22
C ASP D 102 -26.09 11.46 7.16
N PHE D 103 -27.33 10.97 7.20
CA PHE D 103 -27.61 9.55 7.01
C PHE D 103 -28.03 9.35 5.56
N ALA D 104 -27.05 9.03 4.72
CA ALA D 104 -27.26 8.84 3.29
C ALA D 104 -26.30 7.76 2.82
N THR D 105 -26.13 7.65 1.50
CA THR D 105 -25.22 6.69 0.91
C THR D 105 -23.99 7.42 0.40
N TYR D 106 -22.81 7.01 0.85
CA TYR D 106 -21.56 7.67 0.50
C TYR D 106 -20.84 6.84 -0.55
N TYR D 107 -20.57 7.46 -1.70
CA TYR D 107 -19.96 6.80 -2.84
C TYR D 107 -18.52 7.24 -3.01
N CYS D 108 -17.66 6.29 -3.36
CA CYS D 108 -16.25 6.52 -3.65
C CYS D 108 -16.03 6.41 -5.15
N GLN D 109 -15.41 7.44 -5.73
CA GLN D 109 -15.19 7.49 -7.17
C GLN D 109 -13.83 8.08 -7.46
N GLN D 110 -12.90 7.27 -7.97
CA GLN D 110 -11.66 7.84 -8.44
C GLN D 110 -11.91 8.57 -9.75
N TYR D 111 -11.42 9.81 -9.82
CA TYR D 111 -11.41 10.55 -11.08
C TYR D 111 -9.95 10.72 -11.48
N LEU D 112 -9.55 9.99 -12.51
CA LEU D 112 -8.20 10.09 -13.04
C LEU D 112 -8.22 10.56 -14.49
N TYR D 113 -9.07 9.97 -15.32
CA TYR D 113 -9.28 10.42 -16.68
C TYR D 113 -10.79 10.58 -16.89
N TYR D 114 -11.14 11.22 -18.02
CA TYR D 114 -12.54 11.41 -18.40
C TYR D 114 -13.28 10.08 -18.54
N SER D 115 -12.63 9.08 -19.14
CA SER D 115 -13.27 7.80 -19.44
C SER D 115 -12.83 6.68 -18.49
N LEU D 116 -12.35 7.03 -17.29
CA LEU D 116 -12.02 6.04 -16.28
C LEU D 116 -12.79 6.31 -14.98
N VAL D 117 -14.02 6.80 -15.10
CA VAL D 117 -14.87 7.04 -13.94
C VAL D 117 -15.38 5.69 -13.44
N THR D 118 -14.82 5.23 -12.33
CA THR D 118 -15.22 3.95 -11.73
C THR D 118 -15.67 4.22 -10.30
N PHE D 119 -16.99 4.14 -10.07
CA PHE D 119 -17.55 4.34 -8.75
C PHE D 119 -17.27 3.14 -7.86
N GLY D 120 -17.52 3.31 -6.57
CA GLY D 120 -17.39 2.22 -5.62
C GLY D 120 -18.63 1.36 -5.55
N GLN D 121 -19.05 1.03 -4.34
CA GLN D 121 -20.26 0.24 -4.13
C GLN D 121 -21.30 0.94 -3.27
N GLY D 122 -20.96 2.05 -2.64
CA GLY D 122 -21.92 2.75 -1.79
C GLY D 122 -21.96 2.20 -0.38
N THR D 123 -21.85 3.09 0.60
CA THR D 123 -21.87 2.73 2.02
C THR D 123 -23.06 3.44 2.66
N LYS D 124 -24.22 2.79 2.65
CA LYS D 124 -25.42 3.33 3.25
C LYS D 124 -25.29 3.26 4.76
N VAL D 125 -25.02 4.40 5.40
CA VAL D 125 -24.87 4.43 6.84
C VAL D 125 -26.23 4.32 7.52
N GLU D 126 -26.21 3.84 8.76
CA GLU D 126 -27.42 3.57 9.51
C GLU D 126 -27.35 4.29 10.86
N ILE D 127 -28.48 4.34 11.54
CA ILE D 127 -28.56 4.90 12.89
C ILE D 127 -28.28 3.77 13.87
N LYS D 128 -27.45 4.04 14.87
CA LYS D 128 -27.14 3.08 15.93
C LYS D 128 -28.41 2.81 16.74
N ARG D 129 -29.04 1.67 16.50
CA ARG D 129 -30.32 1.35 17.10
C ARG D 129 -30.23 -0.02 17.75
N THR D 130 -30.97 -0.19 18.84
CA THR D 130 -30.89 -1.40 19.64
C THR D 130 -31.56 -2.56 18.92
N VAL D 131 -30.86 -3.70 18.86
CA VAL D 131 -31.33 -4.86 18.12
C VAL D 131 -32.54 -5.48 18.83
N ALA D 132 -33.68 -5.46 18.16
CA ALA D 132 -34.92 -6.01 18.70
C ALA D 132 -35.33 -7.23 17.89
N ALA D 133 -36.24 -8.01 18.47
CA ALA D 133 -36.71 -9.22 17.81
C ALA D 133 -37.69 -8.86 16.69
N PRO D 134 -37.56 -9.50 15.53
CA PRO D 134 -38.51 -9.24 14.43
C PRO D 134 -39.87 -9.85 14.72
N SER D 135 -40.92 -9.02 14.59
CA SER D 135 -42.27 -9.53 14.59
C SER D 135 -42.52 -10.24 13.26
N VAL D 136 -42.61 -11.56 13.29
CA VAL D 136 -42.64 -12.38 12.09
C VAL D 136 -44.06 -12.93 11.95
N PHE D 137 -44.79 -12.38 10.97
CA PHE D 137 -46.19 -12.73 10.74
C PHE D 137 -46.32 -13.29 9.34
N ILE D 138 -46.80 -14.51 9.23
CA ILE D 138 -47.02 -15.15 7.94
C ILE D 138 -48.44 -14.82 7.49
N PHE D 139 -48.62 -14.61 6.18
CA PHE D 139 -49.91 -14.23 5.62
C PHE D 139 -50.19 -15.08 4.39
N PRO D 140 -51.21 -15.94 4.43
CA PRO D 140 -51.70 -16.57 3.21
C PRO D 140 -52.65 -15.64 2.48
N PRO D 141 -52.86 -15.84 1.18
CA PRO D 141 -53.85 -15.03 0.46
C PRO D 141 -55.25 -15.51 0.74
N SER D 142 -56.22 -14.79 0.18
CA SER D 142 -57.62 -15.17 0.28
C SER D 142 -57.96 -16.18 -0.81
N ASP D 143 -59.25 -16.42 -1.01
CA ASP D 143 -59.72 -17.33 -2.05
C ASP D 143 -59.76 -16.71 -3.44
N SER D 144 -59.21 -15.50 -3.60
CA SER D 144 -59.23 -14.82 -4.89
C SER D 144 -58.07 -15.23 -5.80
N GLN D 145 -56.93 -15.62 -5.23
CA GLN D 145 -55.81 -16.03 -6.06
C GLN D 145 -55.96 -17.46 -6.58
N LEU D 146 -56.72 -18.30 -5.87
CA LEU D 146 -56.98 -19.65 -6.40
C LEU D 146 -57.97 -19.61 -7.55
N LYS D 147 -58.85 -18.61 -7.58
CA LYS D 147 -59.70 -18.37 -8.73
C LYS D 147 -59.03 -17.51 -9.79
N SER D 148 -57.84 -16.99 -9.52
CA SER D 148 -57.06 -16.24 -10.49
C SER D 148 -56.03 -17.08 -11.21
N GLY D 149 -55.36 -17.99 -10.49
CA GLY D 149 -54.40 -18.89 -11.09
C GLY D 149 -52.97 -18.73 -10.61
N THR D 150 -52.69 -17.82 -9.68
CA THR D 150 -51.33 -17.60 -9.18
C THR D 150 -51.40 -17.35 -7.69
N ALA D 151 -51.00 -18.34 -6.89
CA ALA D 151 -50.99 -18.18 -5.45
C ALA D 151 -49.76 -17.40 -5.02
N SER D 152 -49.89 -16.65 -3.91
CA SER D 152 -48.79 -15.85 -3.42
C SER D 152 -48.93 -15.71 -1.91
N VAL D 153 -48.01 -16.34 -1.17
CA VAL D 153 -47.95 -16.21 0.29
C VAL D 153 -46.84 -15.24 0.62
N VAL D 154 -46.96 -14.56 1.77
CA VAL D 154 -45.91 -13.64 2.19
C VAL D 154 -45.56 -13.88 3.65
N CYS D 155 -44.36 -13.45 4.03
CA CYS D 155 -43.91 -13.43 5.41
C CYS D 155 -43.36 -12.05 5.71
N LEU D 156 -43.90 -11.43 6.76
CA LEU D 156 -43.57 -10.07 7.16
C LEU D 156 -42.68 -10.10 8.39
N LEU D 157 -41.56 -9.38 8.32
CA LEU D 157 -40.74 -9.09 9.48
C LEU D 157 -40.86 -7.60 9.77
N ASN D 158 -41.39 -7.26 10.93
CA ASN D 158 -41.60 -5.86 11.29
C ASN D 158 -40.80 -5.52 12.54
N ASN D 159 -40.30 -4.27 12.56
CA ASN D 159 -39.70 -3.64 13.75
C ASN D 159 -38.46 -4.40 14.22
N PHE D 160 -37.46 -4.47 13.35
CA PHE D 160 -36.23 -5.20 13.65
C PHE D 160 -35.04 -4.41 13.16
N TYR D 161 -33.85 -4.95 13.44
CA TYR D 161 -32.57 -4.33 13.14
C TYR D 161 -31.48 -5.40 13.28
N PRO D 162 -30.51 -5.48 12.36
CA PRO D 162 -30.28 -4.69 11.15
C PRO D 162 -31.07 -5.21 9.96
N ARG D 163 -30.63 -4.86 8.75
CA ARG D 163 -31.32 -5.31 7.54
C ARG D 163 -31.09 -6.80 7.29
N GLU D 164 -29.97 -7.34 7.75
CA GLU D 164 -29.57 -8.71 7.42
C GLU D 164 -30.38 -9.69 8.25
N ALA D 165 -31.48 -10.15 7.66
CA ALA D 165 -32.27 -11.27 8.18
C ALA D 165 -32.53 -12.22 7.02
N LYS D 166 -32.49 -13.52 7.30
CA LYS D 166 -32.53 -14.52 6.24
C LYS D 166 -33.74 -15.41 6.39
N VAL D 167 -34.64 -15.36 5.41
CA VAL D 167 -35.80 -16.24 5.38
C VAL D 167 -35.45 -17.48 4.57
N GLN D 168 -36.05 -18.62 4.93
CA GLN D 168 -35.69 -19.88 4.31
C GLN D 168 -36.82 -20.55 3.53
N TRP D 169 -38.08 -20.28 3.89
CA TRP D 169 -39.29 -20.75 3.19
C TRP D 169 -39.35 -22.28 3.14
N LYS D 170 -39.52 -22.88 4.31
CA LYS D 170 -39.67 -24.32 4.38
C LYS D 170 -41.04 -24.77 3.87
N VAL D 171 -41.12 -25.09 2.58
CA VAL D 171 -42.33 -25.66 1.99
C VAL D 171 -42.08 -27.14 1.77
N ASP D 172 -42.94 -27.98 2.37
CA ASP D 172 -42.82 -29.45 2.37
C ASP D 172 -41.45 -29.89 2.91
N ASN D 173 -41.06 -29.26 4.03
CA ASN D 173 -39.80 -29.53 4.75
C ASN D 173 -38.58 -29.35 3.85
N ALA D 174 -38.61 -28.32 3.00
CA ALA D 174 -37.52 -28.06 2.07
C ALA D 174 -37.39 -26.57 1.83
N LEU D 175 -36.16 -26.08 1.81
CA LEU D 175 -35.88 -24.68 1.56
C LEU D 175 -36.07 -24.40 0.07
N GLN D 176 -37.23 -23.87 -0.29
CA GLN D 176 -37.55 -23.54 -1.68
C GLN D 176 -36.82 -22.26 -2.06
N SER D 177 -35.56 -22.43 -2.47
CA SER D 177 -34.74 -21.32 -2.90
C SER D 177 -34.92 -21.08 -4.40
N GLY D 178 -34.68 -19.84 -4.81
CA GLY D 178 -34.86 -19.44 -6.19
C GLY D 178 -36.22 -18.85 -6.50
N ASN D 179 -37.27 -19.32 -5.80
CA ASN D 179 -38.61 -18.79 -5.98
C ASN D 179 -38.97 -17.73 -4.95
N SER D 180 -38.13 -17.51 -3.95
CA SER D 180 -38.39 -16.47 -2.97
C SER D 180 -38.11 -15.10 -3.57
N GLN D 181 -38.62 -14.07 -2.90
CA GLN D 181 -38.51 -12.70 -3.40
C GLN D 181 -38.58 -11.75 -2.22
N GLU D 182 -37.44 -11.16 -1.87
CA GLU D 182 -37.33 -10.27 -0.72
C GLU D 182 -37.40 -8.81 -1.16
N SER D 183 -37.86 -7.96 -0.24
CA SER D 183 -37.99 -6.53 -0.51
C SER D 183 -37.91 -5.79 0.81
N VAL D 184 -36.75 -5.23 1.11
CA VAL D 184 -36.56 -4.47 2.33
C VAL D 184 -37.02 -3.04 2.12
N THR D 185 -37.44 -2.39 3.19
CA THR D 185 -37.88 -1.00 3.13
C THR D 185 -36.75 -0.07 3.59
N GLU D 186 -36.97 1.23 3.36
CA GLU D 186 -36.02 2.22 3.83
C GLU D 186 -36.13 2.39 5.34
N GLN D 187 -35.18 3.11 5.91
CA GLN D 187 -35.14 3.28 7.35
C GLN D 187 -36.21 4.28 7.79
N ASP D 188 -36.96 3.91 8.82
CA ASP D 188 -38.07 4.74 9.28
C ASP D 188 -37.56 5.99 9.97
N SER D 189 -38.26 7.10 9.76
CA SER D 189 -37.90 8.36 10.38
C SER D 189 -38.52 8.54 11.75
N LYS D 190 -39.33 7.59 12.22
CA LYS D 190 -40.02 7.69 13.49
C LYS D 190 -39.26 6.97 14.61
N ASP D 191 -38.83 5.73 14.38
CA ASP D 191 -38.14 4.96 15.39
C ASP D 191 -36.87 4.28 14.90
N SER D 192 -36.49 4.48 13.63
CA SER D 192 -35.27 3.97 13.00
C SER D 192 -35.18 2.44 13.08
N THR D 193 -36.21 1.79 12.53
CA THR D 193 -36.26 0.34 12.48
C THR D 193 -36.65 -0.10 11.07
N TYR D 194 -36.64 -1.41 10.85
CA TYR D 194 -36.75 -1.98 9.52
C TYR D 194 -37.96 -2.91 9.39
N SER D 195 -38.34 -3.13 8.14
CA SER D 195 -39.39 -4.07 7.78
C SER D 195 -38.97 -4.80 6.50
N LEU D 196 -39.28 -6.09 6.45
CA LEU D 196 -39.01 -6.94 5.30
C LEU D 196 -40.29 -7.67 4.93
N SER D 197 -40.49 -7.90 3.64
CA SER D 197 -41.66 -8.61 3.14
C SER D 197 -41.19 -9.63 2.12
N SER D 198 -40.99 -10.88 2.55
CA SER D 198 -40.60 -11.93 1.63
C SER D 198 -41.86 -12.50 0.99
N THR D 199 -41.82 -12.67 -0.33
CA THR D 199 -42.99 -13.06 -1.11
C THR D 199 -42.68 -14.33 -1.90
N LEU D 200 -43.45 -15.39 -1.65
CA LEU D 200 -43.32 -16.63 -2.40
C LEU D 200 -44.54 -16.77 -3.29
N THR D 201 -44.34 -16.65 -4.60
CA THR D 201 -45.39 -16.80 -5.59
C THR D 201 -45.27 -18.17 -6.23
N LEU D 202 -46.30 -18.99 -6.06
CA LEU D 202 -46.32 -20.34 -6.60
C LEU D 202 -47.54 -20.55 -7.46
N SER D 203 -47.45 -21.56 -8.34
CA SER D 203 -48.48 -21.88 -9.32
C SER D 203 -49.61 -22.68 -8.70
N LYS D 204 -50.43 -23.31 -9.57
CA LYS D 204 -51.48 -24.21 -9.13
C LYS D 204 -50.92 -25.46 -8.43
N ALA D 205 -49.66 -25.80 -8.69
CA ALA D 205 -49.01 -26.94 -8.03
C ALA D 205 -48.83 -26.77 -6.53
N ASP D 206 -48.98 -25.54 -6.01
CA ASP D 206 -49.03 -25.31 -4.58
C ASP D 206 -50.28 -25.92 -3.94
N TYR D 207 -51.35 -26.13 -4.71
CA TYR D 207 -52.61 -26.58 -4.15
C TYR D 207 -52.55 -28.05 -3.71
N GLU D 208 -51.91 -28.91 -4.51
CA GLU D 208 -51.88 -30.34 -4.21
C GLU D 208 -50.67 -30.76 -3.39
N LYS D 209 -50.03 -29.82 -2.69
CA LYS D 209 -48.94 -30.15 -1.78
C LYS D 209 -49.51 -30.66 -0.45
N HIS D 210 -48.64 -30.84 0.54
CA HIS D 210 -49.06 -31.32 1.84
C HIS D 210 -49.75 -30.20 2.63
N LYS D 211 -50.26 -30.55 3.81
CA LYS D 211 -51.09 -29.65 4.60
C LYS D 211 -50.30 -28.68 5.46
N VAL D 212 -48.99 -28.56 5.26
CA VAL D 212 -48.16 -27.64 6.02
C VAL D 212 -47.52 -26.64 5.05
N TYR D 213 -47.51 -25.37 5.44
CA TYR D 213 -46.85 -24.31 4.66
C TYR D 213 -46.21 -23.35 5.65
N ALA D 214 -44.88 -23.30 5.67
CA ALA D 214 -44.17 -22.53 6.68
C ALA D 214 -43.06 -21.71 6.06
N CYS D 215 -42.63 -20.69 6.79
CA CYS D 215 -41.41 -19.97 6.49
C CYS D 215 -40.58 -19.85 7.75
N GLU D 216 -39.30 -20.21 7.64
CA GLU D 216 -38.35 -20.10 8.73
C GLU D 216 -37.43 -18.93 8.46
N VAL D 217 -37.30 -18.03 9.44
CA VAL D 217 -36.46 -16.86 9.28
C VAL D 217 -35.51 -16.78 10.47
N THR D 218 -34.29 -16.32 10.21
CA THR D 218 -33.27 -16.15 11.23
C THR D 218 -32.76 -14.72 11.22
N HIS D 219 -32.32 -14.28 12.40
CA HIS D 219 -31.93 -12.91 12.66
C HIS D 219 -31.09 -12.91 13.94
N GLN D 220 -30.28 -11.86 14.09
CA GLN D 220 -29.39 -11.78 15.25
C GLN D 220 -30.16 -11.54 16.54
N GLY D 221 -31.27 -10.82 16.49
CA GLY D 221 -32.11 -10.66 17.66
C GLY D 221 -32.85 -11.92 18.07
N LEU D 222 -33.01 -12.86 17.14
CA LEU D 222 -33.61 -14.15 17.44
C LEU D 222 -32.54 -15.12 17.91
N SER D 223 -32.87 -15.89 18.95
CA SER D 223 -31.99 -16.96 19.38
C SER D 223 -31.99 -18.10 18.37
N SER D 224 -33.16 -18.71 18.19
CA SER D 224 -33.55 -19.75 17.25
C SER D 224 -34.30 -19.15 16.08
N PRO D 225 -34.11 -19.67 14.87
CA PRO D 225 -34.87 -19.18 13.71
C PRO D 225 -36.35 -19.50 13.84
N VAL D 226 -37.17 -18.45 13.84
CA VAL D 226 -38.61 -18.60 14.06
C VAL D 226 -39.25 -19.16 12.80
N THR D 227 -40.02 -20.24 12.97
CA THR D 227 -40.77 -20.89 11.89
C THR D 227 -42.24 -20.59 12.09
N LYS D 228 -42.83 -19.83 11.17
CA LYS D 228 -44.25 -19.54 11.19
C LYS D 228 -44.95 -20.38 10.14
N SER D 229 -46.01 -21.08 10.54
CA SER D 229 -46.64 -22.09 9.71
C SER D 229 -48.16 -21.86 9.65
N PHE D 230 -48.76 -22.40 8.60
CA PHE D 230 -50.21 -22.43 8.46
C PHE D 230 -50.58 -23.66 7.64
N ASN D 231 -51.87 -23.97 7.65
CA ASN D 231 -52.42 -25.14 6.98
C ASN D 231 -53.33 -24.71 5.84
N ARG D 232 -53.90 -25.72 5.16
CA ARG D 232 -54.74 -25.64 3.94
C ARG D 232 -54.34 -24.56 2.92
N1' TPP E . 53.59 0.08 0.93
C2' TPP E . 54.39 1.12 1.28
CM2 TPP E . 55.65 0.88 2.12
N3' TPP E . 54.09 2.37 0.89
C4' TPP E . 53.01 2.59 0.16
N4' TPP E . 52.69 3.94 -0.27
C5' TPP E . 52.20 1.56 -0.19
C6' TPP E . 52.50 0.30 0.20
C7' TPP E . 50.94 1.84 -1.05
N3 TPP E . 49.72 1.21 -0.52
C2 TPP E . 49.25 1.30 0.83
S1 TPP E . 47.94 0.51 0.91
C5 TPP E . 47.72 -0.01 -0.48
C4 TPP E . 48.83 0.46 -1.29
CM4 TPP E . 49.00 0.15 -2.78
C6 TPP E . 46.57 -0.84 -0.96
C7 TPP E . 45.26 -0.29 -0.37
O7 TPP E . 44.56 -1.33 0.29
PA TPP E . 43.41 -2.17 -0.57
O1A TPP E . 42.64 -3.06 0.37
O2A TPP E . 44.09 -3.03 -1.61
O3A TPP E . 42.38 -1.13 -1.31
PB TPP E . 41.52 -1.49 -2.68
O1B TPP E . 40.64 -2.68 -2.42
O2B TPP E . 42.48 -1.82 -3.81
O3B TPP E . 40.67 -0.30 -3.07
#